data_8A0G
#
_entry.id   8A0G
#
_cell.length_a   106.950
_cell.length_b   106.950
_cell.length_c   161.380
_cell.angle_alpha   90.000
_cell.angle_beta   90.000
_cell.angle_gamma   120.000
#
_symmetry.space_group_name_H-M   'P 32 2 1'
#
loop_
_entity.id
_entity.type
_entity.pdbx_description
1 polymer 'Deoxyhypusine synthase'
2 non-polymer 1,3-DIAMINOPROPANE
3 non-polymer (4R)-2-METHYLPENTANE-2,4-DIOL
4 non-polymer NICOTINAMIDE-ADENINE-DINUCLEOTIDE
5 non-polymer SPERMIDINE
6 water water
#
_entity_poly.entity_id   1
_entity_poly.type   'polypeptide(L)'
_entity_poly.pdbx_seq_one_letter_code
;GSMEGSLEREAPAGALAAVLKHSSTLPPESTQVRGYDFNRGVNYRALLEAFGTTGFQATNFGRAVQQVNAMIEKKLEPLS
QDEDQHADLTQSRRPLTSCTIFLGYTSNLISSGIRETIRYLVQHNMVDVLVTTAGGVEEDLIKCLAPTYLGEFSLRGKEL
RENGINRIGNLLVPNENY(CSS)KFEDWLMPILDQMVMEQNTEGVKWTPSKMIARLGKEINNPESVYYWAQKNHIPVFSP
ALTDGSLGDMIFFHSYKNPGLVLDIVEDLRLINTQAIFAKCTGMIILGGGVVKHHIANANLMRNGADYAVYINTAQEFDG
SDSGARPDEAVSWG(5GG)IRVDAQPVKVYADASLVFPLLVAETFAQKMDAFMHEKNED
;
_entity_poly.pdbx_strand_id   A,B
#
# COMPACT_ATOMS: atom_id res chain seq x y z
N SER A 30 4.77 20.76 -33.43
CA SER A 30 5.94 21.38 -32.80
C SER A 30 5.58 22.62 -31.93
N THR A 31 5.37 22.42 -30.62
CA THR A 31 4.91 23.52 -29.79
C THR A 31 6.05 24.14 -29.02
N GLN A 32 6.09 25.46 -29.02
CA GLN A 32 7.14 26.24 -28.41
C GLN A 32 6.86 26.42 -26.94
N VAL A 33 7.94 26.39 -26.17
CA VAL A 33 7.88 26.68 -24.75
C VAL A 33 7.61 28.16 -24.54
N ARG A 34 6.60 28.47 -23.73
CA ARG A 34 6.27 29.84 -23.34
C ARG A 34 5.44 29.81 -22.06
N GLY A 35 5.80 30.63 -21.09
CA GLY A 35 4.98 30.72 -19.89
C GLY A 35 3.93 31.83 -19.98
N TYR A 36 3.02 31.83 -19.01
CA TYR A 36 2.00 32.84 -18.90
C TYR A 36 2.66 34.19 -18.66
N ASP A 37 2.17 35.23 -19.31
CA ASP A 37 2.72 36.58 -19.19
C ASP A 37 1.82 37.40 -18.28
N PHE A 38 2.29 37.70 -17.08
CA PHE A 38 1.44 38.42 -16.13
C PHE A 38 1.22 39.88 -16.49
N ASN A 39 1.88 40.39 -17.52
CA ASN A 39 1.47 41.71 -18.02
C ASN A 39 0.05 41.70 -18.53
N ARG A 40 -0.50 40.53 -18.79
CA ARG A 40 -1.91 40.39 -19.19
C ARG A 40 -2.86 40.52 -18.00
N GLY A 41 -2.35 40.59 -16.76
CA GLY A 41 -3.20 40.58 -15.59
C GLY A 41 -3.37 39.16 -15.09
N VAL A 42 -4.11 38.99 -14.00
CA VAL A 42 -4.30 37.66 -13.40
C VAL A 42 -5.60 37.12 -13.97
N ASN A 43 -5.48 36.44 -15.06
CA ASN A 43 -6.59 35.74 -15.70
C ASN A 43 -6.39 34.26 -15.43
N TYR A 44 -7.00 33.76 -14.35
CA TYR A 44 -6.71 32.41 -13.81
C TYR A 44 -6.85 31.32 -14.86
N ARG A 45 -7.91 31.34 -15.66
CA ARG A 45 -8.16 30.27 -16.64
C ARG A 45 -7.02 30.26 -17.66
N ALA A 46 -6.52 31.43 -18.07
CA ALA A 46 -5.42 31.55 -19.04
C ALA A 46 -4.11 31.11 -18.39
N LEU A 47 -3.95 31.45 -17.12
CA LEU A 47 -2.77 31.02 -16.39
CA LEU A 47 -2.78 31.01 -16.37
C LEU A 47 -2.70 29.48 -16.31
N LEU A 48 -3.83 28.84 -16.00
CA LEU A 48 -3.82 27.36 -15.93
CA LEU A 48 -3.80 27.37 -15.92
C LEU A 48 -3.63 26.75 -17.30
N GLU A 49 -4.22 27.34 -18.33
CA GLU A 49 -4.02 26.82 -19.66
C GLU A 49 -2.56 26.88 -20.07
N ALA A 50 -1.82 27.90 -19.62
CA ALA A 50 -0.41 28.02 -20.00
C ALA A 50 0.52 26.98 -19.35
N PHE A 51 0.08 26.21 -18.35
CA PHE A 51 0.94 25.14 -17.84
C PHE A 51 1.40 24.20 -18.95
N GLY A 52 0.51 23.93 -19.91
CA GLY A 52 0.81 22.97 -20.96
C GLY A 52 2.06 23.29 -21.76
N THR A 53 2.38 24.59 -21.92
CA THR A 53 3.56 25.01 -22.68
C THR A 53 4.68 25.48 -21.78
N THR A 54 4.55 25.29 -20.47
CA THR A 54 5.58 25.76 -19.55
C THR A 54 6.70 24.74 -19.38
N GLY A 55 6.45 23.45 -19.51
CA GLY A 55 7.53 22.46 -19.39
C GLY A 55 7.49 21.63 -18.10
N PHE A 56 8.29 20.57 -18.10
CA PHE A 56 8.47 19.72 -16.91
C PHE A 56 7.10 19.28 -16.39
N GLN A 57 6.88 19.29 -15.07
CA GLN A 57 5.59 18.76 -14.60
C GLN A 57 4.42 19.66 -14.91
N ALA A 58 4.66 20.97 -15.18
CA ALA A 58 3.55 21.81 -15.64
C ALA A 58 2.95 21.26 -16.93
N THR A 59 3.81 20.84 -17.85
CA THR A 59 3.30 20.25 -19.09
C THR A 59 2.56 18.94 -18.82
N ASN A 60 3.06 18.12 -17.89
CA ASN A 60 2.35 16.86 -17.60
C ASN A 60 0.98 17.14 -17.00
N PHE A 61 0.86 18.23 -16.22
CA PHE A 61 -0.44 18.65 -15.71
C PHE A 61 -1.39 19.01 -16.85
N GLY A 62 -0.92 19.76 -17.83
CA GLY A 62 -1.73 20.09 -19.00
C GLY A 62 -2.15 18.85 -19.75
N ARG A 63 -1.21 17.91 -19.90
CA ARG A 63 -1.57 16.59 -20.53
CA ARG A 63 -1.62 16.62 -20.58
C ARG A 63 -2.64 15.79 -19.72
N ALA A 64 -2.52 15.93 -18.40
CA ALA A 64 -3.48 15.22 -17.51
C ALA A 64 -4.88 15.83 -17.66
N VAL A 65 -4.98 17.15 -17.74
CA VAL A 65 -6.25 17.82 -17.99
C VAL A 65 -6.85 17.30 -19.29
N GLN A 66 -6.05 17.24 -20.35
CA GLN A 66 -6.61 16.79 -21.62
C GLN A 66 -7.12 15.35 -21.53
N GLN A 67 -6.39 14.47 -20.86
CA GLN A 67 -6.77 13.05 -20.74
CA GLN A 67 -6.80 13.07 -20.79
C GLN A 67 -8.05 12.87 -19.92
N VAL A 68 -8.18 13.61 -18.81
CA VAL A 68 -9.40 13.57 -18.01
C VAL A 68 -10.58 14.17 -18.75
N ASN A 69 -10.40 15.29 -19.48
CA ASN A 69 -11.50 15.78 -20.30
C ASN A 69 -11.93 14.77 -21.39
N ALA A 70 -10.99 14.01 -21.92
CA ALA A 70 -11.31 12.96 -22.87
C ALA A 70 -12.13 11.85 -22.23
N MET A 71 -11.77 11.39 -21.01
CA MET A 71 -12.60 10.41 -20.25
C MET A 71 -13.99 10.95 -20.10
N ILE A 72 -14.11 12.24 -19.72
CA ILE A 72 -15.43 12.81 -19.45
C ILE A 72 -16.27 12.91 -20.71
N GLU A 73 -15.66 13.34 -21.80
CA GLU A 73 -16.38 13.43 -23.10
C GLU A 73 -16.87 12.04 -23.50
N LYS A 74 -16.02 11.02 -23.36
CA LYS A 74 -16.44 9.68 -23.71
C LYS A 74 -17.58 9.20 -22.82
N LYS A 75 -17.50 9.47 -21.51
CA LYS A 75 -18.54 9.09 -20.56
C LYS A 75 -19.89 9.68 -20.95
N LEU A 76 -19.91 10.88 -21.50
CA LEU A 76 -21.16 11.51 -21.86
C LEU A 76 -21.71 11.08 -23.21
N GLU A 77 -20.98 10.33 -24.00
CA GLU A 77 -21.53 9.85 -25.27
C GLU A 77 -22.57 8.76 -25.01
N PRO A 78 -23.65 8.74 -25.78
CA PRO A 78 -24.73 7.77 -25.53
C PRO A 78 -24.30 6.37 -25.93
N LEU A 79 -24.91 5.38 -25.29
CA LEU A 79 -24.68 3.99 -25.67
C LEU A 79 -25.55 3.64 -26.86
N SER A 80 -24.94 3.01 -27.88
CA SER A 80 -25.72 2.41 -28.97
C SER A 80 -26.52 1.20 -28.46
N GLN A 81 -27.41 0.66 -29.31
CA GLN A 81 -28.20 -0.51 -28.90
C GLN A 81 -27.35 -1.75 -28.65
N ASP A 82 -26.38 -2.01 -29.52
CA ASP A 82 -25.46 -3.13 -29.28
C ASP A 82 -24.69 -2.93 -27.98
N GLU A 83 -24.13 -1.75 -27.80
CA GLU A 83 -23.33 -1.47 -26.60
C GLU A 83 -24.18 -1.58 -25.33
N ASP A 84 -25.42 -1.14 -25.40
CA ASP A 84 -26.29 -1.13 -24.23
C ASP A 84 -26.70 -2.55 -23.84
N GLN A 85 -26.53 -3.52 -24.74
CA GLN A 85 -26.75 -4.92 -24.43
C GLN A 85 -25.58 -5.52 -23.65
N HIS A 86 -24.34 -5.44 -24.21
CA HIS A 86 -23.16 -6.01 -23.57
C HIS A 86 -23.03 -5.53 -22.14
N ALA A 87 -22.98 -4.21 -22.07
CA ALA A 87 -22.95 -3.59 -20.75
C ALA A 87 -24.40 -3.53 -20.31
N ASP A 88 -24.73 -4.20 -19.21
CA ASP A 88 -26.13 -4.38 -18.73
C ASP A 88 -26.02 -5.82 -18.22
N LEU A 89 -24.95 -6.49 -18.66
CA LEU A 89 -24.69 -7.86 -18.16
C LEU A 89 -24.33 -7.74 -16.68
N THR A 90 -23.72 -6.63 -16.25
CA THR A 90 -23.65 -6.46 -14.80
C THR A 90 -25.06 -6.38 -14.25
N GLN A 91 -25.25 -6.92 -13.06
CA GLN A 91 -26.46 -6.65 -12.29
C GLN A 91 -26.27 -5.43 -11.38
N SER A 92 -25.19 -4.68 -11.59
CA SER A 92 -25.05 -3.36 -10.96
C SER A 92 -26.28 -2.50 -11.21
N ARG A 93 -26.78 -1.86 -10.13
CA ARG A 93 -27.91 -0.96 -10.21
C ARG A 93 -27.49 0.47 -10.52
N ARG A 94 -26.20 0.74 -10.50
CA ARG A 94 -25.69 1.97 -11.09
C ARG A 94 -26.06 1.98 -12.59
N PRO A 95 -26.60 3.05 -13.12
CA PRO A 95 -26.77 3.20 -14.55
C PRO A 95 -25.40 3.07 -15.21
N LEU A 96 -25.41 2.53 -16.39
CA LEU A 96 -24.19 2.35 -17.13
C LEU A 96 -23.94 3.49 -18.10
N THR A 97 -22.66 3.87 -18.28
CA THR A 97 -22.28 4.96 -19.16
C THR A 97 -21.26 4.47 -20.17
N SER A 98 -20.88 5.38 -21.06
CA SER A 98 -19.94 5.03 -22.12
C SER A 98 -18.52 4.98 -21.64
N CYS A 99 -18.19 5.42 -20.42
CA CYS A 99 -16.80 5.24 -19.85
CA CYS A 99 -16.80 5.27 -19.75
C CYS A 99 -16.88 5.11 -18.30
N THR A 100 -16.46 3.94 -17.83
CA THR A 100 -16.43 3.67 -16.38
C THR A 100 -15.14 4.26 -15.81
N ILE A 101 -15.28 5.16 -14.84
CA ILE A 101 -14.09 5.84 -14.28
C ILE A 101 -13.78 5.27 -12.90
N PHE A 102 -12.57 4.74 -12.75
CA PHE A 102 -12.11 4.24 -11.44
C PHE A 102 -11.29 5.35 -10.78
N LEU A 103 -11.63 5.67 -9.54
CA LEU A 103 -10.87 6.68 -8.77
C LEU A 103 -10.21 5.99 -7.58
N GLY A 104 -8.90 6.07 -7.51
CA GLY A 104 -8.17 5.49 -6.38
C GLY A 104 -7.41 6.55 -5.62
N TYR A 105 -7.36 6.39 -4.30
CA TYR A 105 -6.66 7.39 -3.46
C TYR A 105 -6.13 6.75 -2.17
N THR A 106 -4.98 7.22 -1.71
CA THR A 106 -4.33 6.72 -0.48
C THR A 106 -5.03 7.28 0.77
N SER A 107 -4.88 6.61 1.90
CA SER A 107 -5.56 7.01 3.15
C SER A 107 -5.30 8.47 3.51
N ASN A 108 -4.04 8.89 3.46
CA ASN A 108 -3.63 10.26 3.87
C ASN A 108 -4.40 11.37 3.13
N LEU A 109 -4.84 11.13 1.90
CA LEU A 109 -5.56 12.17 1.12
C LEU A 109 -6.95 12.41 1.73
N ILE A 110 -7.50 11.41 2.41
CA ILE A 110 -8.79 11.59 3.11
C ILE A 110 -8.51 12.35 4.41
N SER A 111 -7.34 12.15 5.01
CA SER A 111 -6.94 12.94 6.20
C SER A 111 -6.84 14.41 5.76
N SER A 112 -6.34 14.65 4.55
CA SER A 112 -6.23 16.01 3.96
C SER A 112 -7.59 16.59 3.56
N GLY A 113 -7.59 17.82 3.05
CA GLY A 113 -8.82 18.46 2.55
C GLY A 113 -9.22 17.96 1.17
N ILE A 114 -8.41 17.07 0.58
CA ILE A 114 -8.80 16.44 -0.72
C ILE A 114 -10.06 15.61 -0.49
N ARG A 115 -10.36 15.29 0.78
CA ARG A 115 -11.63 14.58 1.12
C ARG A 115 -12.80 15.35 0.50
N GLU A 116 -12.79 16.67 0.61
CA GLU A 116 -13.88 17.51 0.07
C GLU A 116 -13.93 17.37 -1.45
N THR A 117 -12.77 17.38 -2.11
CA THR A 117 -12.65 17.22 -3.58
C THR A 117 -13.29 15.90 -4.00
N ILE A 118 -12.96 14.82 -3.30
CA ILE A 118 -13.46 13.46 -3.64
C ILE A 118 -14.98 13.40 -3.37
N ARG A 119 -15.42 13.98 -2.26
CA ARG A 119 -16.87 13.96 -1.92
C ARG A 119 -17.66 14.60 -3.06
N TYR A 120 -17.20 15.74 -3.57
CA TYR A 120 -17.89 16.43 -4.68
C TYR A 120 -18.08 15.49 -5.87
N LEU A 121 -17.02 14.82 -6.28
CA LEU A 121 -17.10 13.92 -7.46
C LEU A 121 -18.10 12.80 -7.22
N VAL A 122 -18.12 12.27 -6.01
CA VAL A 122 -19.02 11.13 -5.68
C VAL A 122 -20.46 11.64 -5.58
N GLN A 123 -20.63 12.79 -4.92
CA GLN A 123 -21.98 13.39 -4.76
C GLN A 123 -22.64 13.59 -6.12
N HIS A 124 -21.88 13.98 -7.15
CA HIS A 124 -22.49 14.30 -8.46
C HIS A 124 -22.30 13.16 -9.47
N ASN A 125 -22.04 11.95 -8.99
CA ASN A 125 -21.96 10.75 -9.87
C ASN A 125 -20.96 10.92 -11.02
N MET A 126 -19.82 11.54 -10.76
CA MET A 126 -18.84 11.81 -11.85
C MET A 126 -17.83 10.66 -11.95
N VAL A 127 -17.81 9.80 -10.93
CA VAL A 127 -16.93 8.60 -10.95
C VAL A 127 -17.80 7.37 -10.71
N ASP A 128 -17.31 6.17 -11.03
CA ASP A 128 -18.16 4.96 -10.97
C ASP A 128 -17.65 3.94 -9.94
N VAL A 129 -16.35 3.94 -9.67
CA VAL A 129 -15.76 2.94 -8.74
C VAL A 129 -14.69 3.64 -7.88
N LEU A 130 -14.73 3.41 -6.58
CA LEU A 130 -13.73 4.00 -5.67
C LEU A 130 -12.87 2.88 -5.07
N VAL A 131 -11.58 3.14 -4.95
CA VAL A 131 -10.67 2.18 -4.27
C VAL A 131 -9.79 3.00 -3.32
N THR A 132 -9.80 2.64 -2.05
CA THR A 132 -8.94 3.31 -1.05
C THR A 132 -8.53 2.30 0.01
N THR A 133 -7.56 2.68 0.82
CA THR A 133 -7.10 1.82 1.91
C THR A 133 -7.99 2.10 3.14
N ALA A 134 -7.82 1.34 4.22
CA ALA A 134 -8.73 1.45 5.38
C ALA A 134 -8.81 2.87 5.95
N GLY A 135 -7.66 3.54 6.08
CA GLY A 135 -7.67 4.92 6.59
C GLY A 135 -8.55 5.82 5.76
N GLY A 136 -8.56 5.61 4.45
CA GLY A 136 -9.38 6.44 3.55
C GLY A 136 -10.86 6.22 3.77
N VAL A 137 -11.22 5.14 4.44
CA VAL A 137 -12.65 4.91 4.78
C VAL A 137 -12.94 5.51 6.16
N GLU A 138 -12.24 5.05 7.18
CA GLU A 138 -12.55 5.46 8.57
C GLU A 138 -12.42 6.96 8.81
N GLU A 139 -11.38 7.60 8.27
CA GLU A 139 -11.16 9.03 8.60
C GLU A 139 -12.27 9.92 8.01
N ASP A 140 -12.91 9.51 6.93
CA ASP A 140 -14.06 10.27 6.38
C ASP A 140 -15.18 10.25 7.41
N LEU A 141 -15.42 9.07 7.98
CA LEU A 141 -16.53 8.93 8.96
C LEU A 141 -16.18 9.71 10.22
N ILE A 142 -14.94 9.57 10.69
CA ILE A 142 -14.52 10.26 11.94
C ILE A 142 -14.62 11.79 11.77
N LYS A 143 -14.36 12.29 10.55
CA LYS A 143 -14.41 13.75 10.30
C LYS A 143 -15.85 14.26 10.49
N CYS A 144 -16.83 13.38 10.38
CA CYS A 144 -18.23 13.75 10.62
C CYS A 144 -18.49 13.84 12.13
N LEU A 145 -17.59 13.29 12.94
CA LEU A 145 -17.74 13.28 14.42
C LEU A 145 -16.82 14.31 15.07
N ALA A 146 -15.61 14.49 14.51
CA ALA A 146 -14.62 15.40 15.11
C ALA A 146 -13.63 15.83 14.04
N PRO A 147 -13.08 17.05 14.12
CA PRO A 147 -12.21 17.54 13.06
C PRO A 147 -10.75 17.14 13.17
N THR A 148 -10.03 17.28 12.06
CA THR A 148 -8.56 17.05 12.05
C THR A 148 -7.95 18.45 12.03
N TYR A 149 -6.77 18.63 12.60
CA TYR A 149 -6.20 19.99 12.72
C TYR A 149 -4.85 20.11 11.99
N LEU A 150 -4.48 21.35 11.66
CA LEU A 150 -3.18 21.59 11.01
C LEU A 150 -2.08 21.61 12.07
N GLY A 151 -0.91 21.08 11.72
CA GLY A 151 0.25 21.10 12.61
C GLY A 151 1.52 21.31 11.79
N GLU A 152 2.56 20.56 12.10
CA GLU A 152 3.84 20.63 11.34
C GLU A 152 4.54 19.27 11.41
N PHE A 153 5.30 18.93 10.38
CA PHE A 153 6.00 17.63 10.31
C PHE A 153 7.04 17.50 11.44
N SER A 154 7.56 18.62 11.94
CA SER A 154 8.68 18.61 12.91
C SER A 154 8.25 18.27 14.35
N LEU A 155 6.96 18.27 14.65
CA LEU A 155 6.52 18.04 16.05
C LEU A 155 7.05 16.69 16.56
N ARG A 156 7.61 16.69 17.77
CA ARG A 156 8.24 15.47 18.34
C ARG A 156 7.20 14.47 18.86
N GLY A 157 7.39 13.19 18.58
CA GLY A 157 6.42 12.15 18.93
C GLY A 157 6.17 12.03 20.42
N LYS A 158 7.23 12.05 21.22
CA LYS A 158 7.06 11.85 22.69
C LYS A 158 6.10 12.90 23.24
N GLU A 159 6.32 14.17 22.91
CA GLU A 159 5.47 15.26 23.45
C GLU A 159 4.03 15.05 22.97
N LEU A 160 3.85 14.71 21.70
CA LEU A 160 2.49 14.48 21.16
C LEU A 160 1.84 13.30 21.90
N ARG A 161 2.59 12.21 22.10
CA ARG A 161 2.05 11.00 22.74
C ARG A 161 1.60 11.34 24.17
N GLU A 162 2.41 12.12 24.87
CA GLU A 162 2.09 12.51 26.27
C GLU A 162 0.77 13.28 26.29
N ASN A 163 0.40 13.93 25.18
CA ASN A 163 -0.83 14.75 25.14
C ASN A 163 -1.93 14.05 24.34
N GLY A 164 -1.73 12.80 23.97
CA GLY A 164 -2.76 12.04 23.22
C GLY A 164 -3.06 12.65 21.87
N ILE A 165 -2.03 13.19 21.21
CA ILE A 165 -2.21 13.78 19.86
C ILE A 165 -1.44 12.93 18.86
N ASN A 166 -2.15 12.45 17.84
CA ASN A 166 -1.53 11.58 16.81
C ASN A 166 -1.15 12.45 15.59
N ARG A 167 0.00 12.16 15.00
CA ARG A 167 0.45 12.98 13.86
C ARG A 167 0.27 12.25 12.52
N ILE A 168 -0.30 12.94 11.55
CA ILE A 168 -0.40 12.41 10.15
C ILE A 168 0.27 13.47 9.28
N GLY A 169 1.56 13.32 9.03
CA GLY A 169 2.30 14.34 8.28
C GLY A 169 2.32 15.65 9.04
N ASN A 170 1.71 16.69 8.47
CA ASN A 170 1.62 18.02 9.14
C ASN A 170 0.19 18.21 9.66
N LEU A 171 -0.51 17.11 9.90
CA LEU A 171 -1.89 17.17 10.41
C LEU A 171 -1.93 16.54 11.80
N LEU A 172 -2.96 16.89 12.58
CA LEU A 172 -3.04 16.38 13.97
C LEU A 172 -4.46 15.86 14.26
N VAL A 173 -4.53 14.63 14.75
CA VAL A 173 -5.81 13.97 15.17
CA VAL A 173 -5.83 14.02 15.16
C VAL A 173 -5.80 13.60 16.66
N PRO A 174 -6.54 14.35 17.50
CA PRO A 174 -6.60 14.03 18.92
C PRO A 174 -7.16 12.60 19.11
N ASN A 175 -6.62 11.88 20.04
CA ASN A 175 -7.12 10.51 20.30
CA ASN A 175 -7.11 10.49 20.34
C ASN A 175 -8.61 10.40 20.65
N GLU A 176 -9.17 11.45 21.18
CA GLU A 176 -10.59 11.53 21.51
C GLU A 176 -11.42 11.28 20.27
N ASN A 177 -10.91 11.66 19.11
CA ASN A 177 -11.61 11.39 17.83
C ASN A 177 -11.90 9.89 17.72
N TYR A 178 -10.93 9.06 18.08
CA TYR A 178 -11.09 7.59 17.97
C TYR A 178 -12.02 7.09 19.07
N LYS A 180 -14.68 8.63 20.12
CA LYS A 180 -16.05 8.91 19.62
C LYS A 180 -16.39 7.89 18.52
N PHE A 181 -15.39 7.50 17.72
CA PHE A 181 -15.61 6.52 16.63
C PHE A 181 -16.05 5.18 17.25
N GLU A 182 -15.38 4.78 18.31
CA GLU A 182 -15.70 3.50 18.99
C GLU A 182 -17.15 3.52 19.47
N ASP A 183 -17.54 4.59 20.15
CA ASP A 183 -18.89 4.80 20.64
CA ASP A 183 -18.95 4.71 20.62
C ASP A 183 -20.03 4.62 19.51
N TRP A 184 -19.65 5.17 18.36
CA TRP A 184 -20.60 5.19 17.21
C TRP A 184 -20.61 3.84 16.48
N LEU A 185 -19.47 3.18 16.38
CA LEU A 185 -19.38 1.97 15.54
C LEU A 185 -19.78 0.68 16.26
N MET A 186 -19.43 0.55 17.54
CA MET A 186 -19.67 -0.73 18.24
C MET A 186 -21.12 -1.23 18.07
N PRO A 187 -22.15 -0.39 18.22
CA PRO A 187 -23.54 -0.84 18.01
C PRO A 187 -23.79 -1.36 16.58
N ILE A 188 -23.16 -0.74 15.58
CA ILE A 188 -23.33 -1.21 14.18
C ILE A 188 -22.67 -2.59 14.02
N LEU A 189 -21.51 -2.80 14.63
CA LEU A 189 -20.84 -4.12 14.55
C LEU A 189 -21.79 -5.18 15.14
N ASP A 190 -22.47 -4.83 16.23
CA ASP A 190 -23.41 -5.78 16.88
C ASP A 190 -24.48 -6.18 15.87
N GLN A 191 -25.10 -5.19 15.22
CA GLN A 191 -26.11 -5.50 14.17
C GLN A 191 -25.62 -6.34 12.97
N MET A 192 -24.38 -6.01 12.57
CA MET A 192 -23.80 -6.73 11.41
C MET A 192 -23.63 -8.20 11.76
N VAL A 193 -23.10 -8.50 12.94
CA VAL A 193 -22.91 -9.92 13.38
C VAL A 193 -24.29 -10.59 13.46
N MET A 194 -25.28 -9.86 13.98
CA MET A 194 -26.65 -10.41 14.09
C MET A 194 -27.18 -10.74 12.70
N GLU A 195 -27.07 -9.81 11.76
CA GLU A 195 -27.60 -10.01 10.40
C GLU A 195 -26.88 -11.19 9.73
N GLN A 196 -25.59 -11.34 10.01
CA GLN A 196 -24.81 -12.47 9.44
C GLN A 196 -25.37 -13.78 9.97
N ASN A 197 -25.56 -13.85 11.29
CA ASN A 197 -25.98 -15.12 11.93
C ASN A 197 -27.48 -15.37 11.78
N THR A 198 -28.28 -14.33 11.59
CA THR A 198 -29.76 -14.51 11.56
C THR A 198 -30.33 -14.36 10.15
N GLU A 199 -29.68 -13.59 9.28
CA GLU A 199 -30.28 -13.33 7.94
C GLU A 199 -29.37 -13.87 6.83
N GLY A 200 -28.25 -14.49 7.19
CA GLY A 200 -27.38 -15.10 6.18
C GLY A 200 -26.54 -14.10 5.39
N VAL A 201 -26.42 -12.89 5.90
CA VAL A 201 -25.62 -11.84 5.21
C VAL A 201 -24.14 -12.24 5.16
N LYS A 202 -23.57 -12.29 3.97
CA LYS A 202 -22.12 -12.58 3.80
C LYS A 202 -21.42 -11.23 3.62
N TRP A 203 -20.75 -10.76 4.66
CA TRP A 203 -20.13 -9.42 4.63
C TRP A 203 -18.85 -9.38 3.80
N THR A 204 -18.62 -8.26 3.13
CA THR A 204 -17.37 -8.01 2.36
C THR A 204 -16.99 -6.57 2.67
N PRO A 205 -15.73 -6.15 2.45
CA PRO A 205 -15.39 -4.74 2.66
C PRO A 205 -16.39 -3.78 1.95
N SER A 206 -16.68 -4.04 0.67
CA SER A 206 -17.60 -3.16 -0.12
C SER A 206 -18.97 -3.04 0.57
N LYS A 207 -19.52 -4.16 1.04
CA LYS A 207 -20.86 -4.14 1.67
C LYS A 207 -20.78 -3.38 3.00
N MET A 208 -19.71 -3.58 3.77
CA MET A 208 -19.56 -2.89 5.06
C MET A 208 -19.45 -1.38 4.83
N ILE A 209 -18.68 -0.96 3.83
CA ILE A 209 -18.47 0.50 3.59
C ILE A 209 -19.81 1.14 3.20
N ALA A 210 -20.60 0.46 2.39
CA ALA A 210 -21.93 0.99 2.01
C ALA A 210 -22.78 1.15 3.28
N ARG A 211 -22.74 0.17 4.17
CA ARG A 211 -23.53 0.23 5.41
C ARG A 211 -23.09 1.41 6.28
N LEU A 212 -21.78 1.56 6.46
CA LEU A 212 -21.24 2.67 7.29
C LEU A 212 -21.64 4.03 6.69
N GLY A 213 -21.64 4.14 5.35
CA GLY A 213 -22.06 5.38 4.68
C GLY A 213 -23.51 5.69 4.98
N LYS A 214 -24.34 4.66 4.91
CA LYS A 214 -25.78 4.84 5.22
C LYS A 214 -25.92 5.27 6.68
N GLU A 215 -25.17 4.64 7.57
CA GLU A 215 -25.30 4.92 9.03
C GLU A 215 -24.82 6.34 9.36
N ILE A 216 -23.76 6.83 8.70
CA ILE A 216 -23.21 8.17 9.07
C ILE A 216 -24.28 9.22 8.72
N ASN A 217 -25.06 8.99 7.68
CA ASN A 217 -26.19 9.88 7.34
C ASN A 217 -25.75 11.34 7.42
N ASN A 218 -24.68 11.69 6.71
CA ASN A 218 -24.12 13.06 6.77
C ASN A 218 -23.63 13.45 5.38
N PRO A 219 -24.14 14.55 4.80
CA PRO A 219 -23.80 14.93 3.43
C PRO A 219 -22.34 15.40 3.25
N GLU A 220 -21.58 15.46 4.32
CA GLU A 220 -20.14 15.82 4.22
C GLU A 220 -19.31 14.55 3.97
N SER A 221 -19.92 13.37 4.10
CA SER A 221 -19.18 12.08 3.97
C SER A 221 -19.14 11.58 2.53
N VAL A 222 -17.96 11.14 2.09
CA VAL A 222 -17.82 10.52 0.75
C VAL A 222 -18.67 9.24 0.70
N TYR A 223 -18.63 8.41 1.73
CA TYR A 223 -19.30 7.07 1.71
C TYR A 223 -20.82 7.22 1.84
N TYR A 224 -21.33 8.28 2.45
CA TYR A 224 -22.79 8.52 2.45
C TYR A 224 -23.23 8.69 1.00
N TRP A 225 -22.50 9.51 0.24
CA TRP A 225 -22.86 9.77 -1.16
C TRP A 225 -22.62 8.53 -2.02
N ALA A 226 -21.56 7.78 -1.73
CA ALA A 226 -21.23 6.59 -2.54
C ALA A 226 -22.39 5.59 -2.45
N GLN A 227 -22.89 5.35 -1.24
CA GLN A 227 -23.98 4.36 -1.05
C GLN A 227 -25.28 4.90 -1.67
N LYS A 228 -25.49 6.20 -1.54
CA LYS A 228 -26.72 6.83 -2.10
C LYS A 228 -26.69 6.75 -3.63
N ASN A 229 -25.50 6.83 -4.24
CA ASN A 229 -25.40 6.86 -5.72
C ASN A 229 -25.00 5.49 -6.28
N HIS A 230 -24.96 4.46 -5.44
CA HIS A 230 -24.64 3.09 -5.89
C HIS A 230 -23.22 3.01 -6.47
N ILE A 231 -22.31 3.78 -5.89
CA ILE A 231 -20.88 3.72 -6.31
C ILE A 231 -20.17 2.75 -5.36
N PRO A 232 -19.71 1.59 -5.86
CA PRO A 232 -19.04 0.61 -5.02
C PRO A 232 -17.67 1.08 -4.52
N VAL A 233 -17.31 0.69 -3.29
CA VAL A 233 -15.99 1.07 -2.71
C VAL A 233 -15.24 -0.20 -2.34
N PHE A 234 -14.03 -0.35 -2.89
CA PHE A 234 -13.22 -1.57 -2.61
C PHE A 234 -12.03 -1.22 -1.72
N SER A 235 -11.75 -2.08 -0.74
CA SER A 235 -10.64 -1.90 0.21
C SER A 235 -10.31 -3.29 0.76
N PRO A 236 -9.50 -4.08 0.03
CA PRO A 236 -9.25 -5.48 0.41
C PRO A 236 -8.57 -5.64 1.78
N ALA A 237 -7.76 -4.67 2.18
CA ALA A 237 -7.12 -4.71 3.52
C ALA A 237 -7.83 -3.74 4.48
N LEU A 238 -9.15 -3.88 4.61
CA LEU A 238 -9.96 -2.98 5.47
C LEU A 238 -9.57 -3.09 6.95
N THR A 239 -8.87 -4.15 7.33
CA THR A 239 -8.47 -4.38 8.73
C THR A 239 -7.23 -3.54 9.11
N ASP A 240 -6.59 -2.91 8.14
CA ASP A 240 -5.32 -2.19 8.42
C ASP A 240 -5.58 -0.74 8.85
N GLY A 241 -6.09 -0.57 10.06
CA GLY A 241 -6.35 0.76 10.61
C GLY A 241 -7.26 0.73 11.82
N SER A 242 -7.88 1.85 12.16
CA SER A 242 -8.75 1.94 13.37
C SER A 242 -9.95 1.00 13.25
N LEU A 243 -10.55 0.93 12.07
CA LEU A 243 -11.69 -0.01 11.86
C LEU A 243 -11.23 -1.41 12.28
N GLY A 244 -10.01 -1.80 11.93
CA GLY A 244 -9.47 -3.09 12.39
C GLY A 244 -9.39 -3.16 13.91
N ASP A 245 -8.83 -2.13 14.54
CA ASP A 245 -8.75 -2.09 16.01
C ASP A 245 -10.12 -2.38 16.62
N MET A 246 -11.14 -1.70 16.13
CA MET A 246 -12.50 -1.83 16.70
C MET A 246 -13.04 -3.25 16.48
N ILE A 247 -12.91 -3.77 15.26
CA ILE A 247 -13.37 -5.15 14.96
C ILE A 247 -12.65 -6.11 15.91
N PHE A 248 -11.36 -5.88 16.12
CA PHE A 248 -10.56 -6.77 16.99
C PHE A 248 -11.14 -6.77 18.40
N PHE A 249 -11.30 -5.58 18.97
CA PHE A 249 -11.85 -5.45 20.34
C PHE A 249 -13.25 -6.05 20.39
N HIS A 250 -14.10 -5.75 19.41
CA HIS A 250 -15.49 -6.23 19.40
C HIS A 250 -15.51 -7.76 19.32
N SER A 251 -14.56 -8.34 18.61
CA SER A 251 -14.48 -9.81 18.42
C SER A 251 -14.49 -10.54 19.78
N TYR A 252 -13.99 -9.87 20.82
CA TYR A 252 -13.89 -10.54 22.13
C TYR A 252 -15.27 -10.58 22.82
N LYS A 253 -16.12 -9.60 22.54
CA LYS A 253 -17.45 -9.54 23.20
C LYS A 253 -18.49 -10.23 22.32
N ASN A 254 -18.34 -10.13 21.01
CA ASN A 254 -19.38 -10.67 20.10
C ASN A 254 -18.68 -11.32 18.91
N PRO A 255 -18.18 -12.55 19.05
CA PRO A 255 -17.39 -13.17 17.98
C PRO A 255 -18.11 -13.68 16.74
N GLY A 256 -17.37 -13.84 15.63
CA GLY A 256 -17.95 -14.45 14.42
C GLY A 256 -17.95 -13.59 13.17
N LEU A 257 -17.63 -12.30 13.27
CA LEU A 257 -17.72 -11.46 12.06
C LEU A 257 -16.76 -11.99 11.01
N VAL A 258 -17.27 -12.23 9.81
CA VAL A 258 -16.41 -12.67 8.67
C VAL A 258 -16.42 -11.58 7.60
N LEU A 259 -15.24 -11.23 7.08
CA LEU A 259 -15.16 -10.26 5.95
C LEU A 259 -14.46 -10.99 4.80
N ASP A 260 -15.22 -11.39 3.81
CA ASP A 260 -14.66 -12.13 2.65
C ASP A 260 -14.13 -11.15 1.61
N ILE A 261 -12.92 -11.41 1.13
CA ILE A 261 -12.33 -10.53 0.09
C ILE A 261 -12.50 -11.16 -1.31
N VAL A 262 -12.90 -12.43 -1.37
CA VAL A 262 -13.02 -13.11 -2.70
C VAL A 262 -14.21 -12.51 -3.50
N GLU A 263 -15.37 -12.42 -2.79
N GLU A 263 -15.37 -12.38 -2.86
CA GLU A 263 -16.52 -11.86 -3.51
CA GLU A 263 -16.55 -11.82 -3.56
C GLU A 263 -16.19 -10.46 -4.03
C GLU A 263 -16.22 -10.42 -4.11
N ASP A 264 -15.53 -9.62 -3.31
CA ASP A 264 -15.19 -8.22 -3.73
C ASP A 264 -14.26 -8.25 -4.95
N LEU A 265 -13.39 -9.25 -5.05
CA LEU A 265 -12.52 -9.38 -6.25
C LEU A 265 -13.41 -9.62 -7.48
N ARG A 266 -14.35 -10.56 -7.37
CA ARG A 266 -15.30 -10.78 -8.44
CA ARG A 266 -15.30 -10.73 -8.49
C ARG A 266 -16.03 -9.43 -8.92
N LEU A 267 -16.45 -8.70 -7.89
CA LEU A 267 -17.22 -7.46 -8.14
C LEU A 267 -16.37 -6.41 -8.86
N ILE A 268 -15.16 -6.14 -8.40
CA ILE A 268 -14.35 -5.07 -9.03
C ILE A 268 -13.98 -5.48 -10.45
N ASN A 269 -13.61 -6.74 -10.64
CA ASN A 269 -13.19 -7.24 -11.98
C ASN A 269 -14.37 -7.15 -12.95
N THR A 270 -15.56 -7.49 -12.47
CA THR A 270 -16.71 -7.44 -13.38
CA THR A 270 -16.79 -7.40 -13.32
C THR A 270 -17.08 -5.97 -13.86
N GLN A 271 -16.78 -5.01 -12.99
CA GLN A 271 -17.00 -3.58 -13.38
C GLN A 271 -16.12 -3.24 -14.60
N ALA A 272 -14.93 -3.81 -14.68
CA ALA A 272 -14.03 -3.56 -15.83
C ALA A 272 -14.40 -4.43 -17.03
N ILE A 273 -14.71 -5.69 -16.80
CA ILE A 273 -14.97 -6.63 -17.92
C ILE A 273 -16.15 -6.15 -18.78
N PHE A 274 -17.22 -5.69 -18.15
CA PHE A 274 -18.46 -5.35 -18.91
C PHE A 274 -18.53 -3.85 -19.24
N ALA A 275 -17.43 -3.14 -19.12
CA ALA A 275 -17.41 -1.70 -19.46
C ALA A 275 -17.18 -1.50 -20.96
N LYS A 276 -17.76 -0.45 -21.54
CA LYS A 276 -17.49 -0.12 -22.95
C LYS A 276 -16.11 0.54 -23.01
N CYS A 277 -15.84 1.37 -22.02
CA CYS A 277 -14.52 2.05 -21.92
CA CYS A 277 -14.53 2.07 -21.91
C CYS A 277 -14.20 2.29 -20.42
N THR A 278 -12.90 2.26 -20.13
CA THR A 278 -12.53 2.54 -18.75
C THR A 278 -11.46 3.62 -18.70
N GLY A 279 -11.52 4.38 -17.62
CA GLY A 279 -10.47 5.34 -17.31
C GLY A 279 -10.07 5.16 -15.86
N MET A 280 -8.80 5.41 -15.60
CA MET A 280 -8.25 5.31 -14.25
C MET A 280 -7.69 6.67 -13.86
N ILE A 281 -8.06 7.14 -12.69
CA ILE A 281 -7.48 8.34 -12.08
C ILE A 281 -6.97 7.87 -10.73
N ILE A 282 -5.65 7.85 -10.55
CA ILE A 282 -5.04 7.21 -9.40
CA ILE A 282 -5.01 7.19 -9.41
C ILE A 282 -4.16 8.21 -8.67
N LEU A 283 -4.53 8.49 -7.43
CA LEU A 283 -3.82 9.43 -6.57
C LEU A 283 -3.03 8.61 -5.59
N GLY A 284 -1.71 8.60 -5.76
CA GLY A 284 -0.83 7.82 -4.89
C GLY A 284 -0.60 6.43 -5.44
N GLY A 285 0.00 5.60 -4.59
CA GLY A 285 0.48 4.31 -5.01
C GLY A 285 -0.01 3.19 -4.12
N GLY A 286 0.67 2.06 -4.17
CA GLY A 286 0.32 0.95 -3.29
C GLY A 286 -0.79 0.07 -3.82
N VAL A 287 -1.47 -0.54 -2.85
CA VAL A 287 -2.60 -1.42 -3.15
C VAL A 287 -3.60 -0.72 -4.04
N VAL A 288 -3.92 0.56 -3.76
CA VAL A 288 -4.97 1.23 -4.53
CA VAL A 288 -4.97 1.22 -4.53
C VAL A 288 -4.60 1.30 -6.01
N LYS A 289 -3.35 1.63 -6.31
CA LYS A 289 -2.93 1.71 -7.70
C LYS A 289 -2.93 0.34 -8.38
N HIS A 290 -2.32 -0.66 -7.75
CA HIS A 290 -2.26 -1.98 -8.41
C HIS A 290 -3.63 -2.62 -8.53
N HIS A 291 -4.51 -2.46 -7.54
CA HIS A 291 -5.78 -3.16 -7.57
C HIS A 291 -6.67 -2.64 -8.71
N ILE A 292 -6.67 -1.33 -8.94
CA ILE A 292 -7.41 -0.77 -10.07
C ILE A 292 -6.80 -1.25 -11.39
N ALA A 293 -5.48 -1.13 -11.51
CA ALA A 293 -4.82 -1.54 -12.74
C ALA A 293 -5.06 -3.01 -13.02
N ASN A 294 -5.01 -3.84 -11.96
CA ASN A 294 -5.21 -5.27 -12.18
C ASN A 294 -6.63 -5.61 -12.65
N ALA A 295 -7.65 -4.92 -12.12
CA ALA A 295 -9.01 -5.09 -12.61
C ALA A 295 -9.08 -4.77 -14.09
N ASN A 296 -8.37 -3.75 -14.53
CA ASN A 296 -8.41 -3.38 -15.92
C ASN A 296 -7.59 -4.30 -16.83
N LEU A 297 -6.62 -5.03 -16.30
CA LEU A 297 -6.00 -6.09 -17.06
C LEU A 297 -7.02 -7.12 -17.55
N MET A 298 -8.10 -7.36 -16.79
CA MET A 298 -9.12 -8.34 -17.17
CA MET A 298 -9.11 -8.34 -17.18
C MET A 298 -9.81 -7.98 -18.48
N ARG A 299 -9.81 -6.73 -18.89
CA ARG A 299 -10.39 -6.34 -20.19
C ARG A 299 -9.29 -6.02 -21.23
N ASN A 300 -8.05 -6.42 -20.97
CA ASN A 300 -6.91 -6.14 -21.83
CA ASN A 300 -6.91 -6.13 -21.83
C ASN A 300 -6.53 -4.65 -21.81
N GLY A 301 -6.86 -3.96 -20.74
CA GLY A 301 -6.29 -2.65 -20.47
C GLY A 301 -7.26 -1.50 -20.44
N ALA A 302 -6.94 -0.52 -19.60
CA ALA A 302 -7.70 0.71 -19.54
C ALA A 302 -7.46 1.55 -20.80
N ASP A 303 -8.49 2.32 -21.17
CA ASP A 303 -8.43 3.20 -22.33
C ASP A 303 -7.76 4.53 -21.99
N TYR A 304 -7.90 4.97 -20.74
CA TYR A 304 -7.37 6.25 -20.28
C TYR A 304 -6.79 6.04 -18.90
N ALA A 305 -5.73 6.80 -18.62
CA ALA A 305 -5.04 6.63 -17.34
C ALA A 305 -4.26 7.88 -16.98
N VAL A 306 -4.49 8.38 -15.77
CA VAL A 306 -3.76 9.54 -15.21
C VAL A 306 -3.30 9.12 -13.82
N TYR A 307 -1.99 9.17 -13.56
CA TYR A 307 -1.41 8.88 -12.24
C TYR A 307 -0.95 10.21 -11.65
N ILE A 308 -1.13 10.46 -10.37
CA ILE A 308 -0.55 11.64 -9.70
C ILE A 308 0.10 11.09 -8.44
N ASN A 309 1.42 10.91 -8.42
CA ASN A 309 2.08 10.37 -7.23
C ASN A 309 3.52 10.83 -7.20
N THR A 310 4.09 10.72 -6.01
CA THR A 310 5.44 11.18 -5.71
C THR A 310 6.47 10.07 -5.72
N ALA A 311 6.09 8.85 -6.07
CA ALA A 311 7.05 7.75 -6.01
C ALA A 311 7.91 7.72 -7.27
N GLN A 312 9.09 7.11 -7.14
CA GLN A 312 10.08 7.04 -8.22
C GLN A 312 10.37 5.58 -8.61
N GLU A 313 10.77 5.36 -9.86
CA GLU A 313 10.84 3.98 -10.33
C GLU A 313 12.06 3.21 -9.82
N PHE A 314 13.13 3.90 -9.37
CA PHE A 314 14.44 3.29 -9.24
C PHE A 314 14.50 2.10 -8.27
N ASP A 315 13.57 2.01 -7.35
CA ASP A 315 13.62 0.95 -6.33
C ASP A 315 12.82 -0.29 -6.77
N GLY A 316 12.29 -0.28 -7.99
CA GLY A 316 11.53 -1.38 -8.53
C GLY A 316 10.12 -1.48 -8.05
N SER A 317 9.65 -0.53 -7.26
CA SER A 317 8.34 -0.60 -6.66
C SER A 317 7.22 -0.51 -7.70
N ASP A 318 6.07 -1.08 -7.37
CA ASP A 318 4.88 -0.82 -8.18
C ASP A 318 4.43 0.63 -8.03
N SER A 319 4.53 1.19 -6.82
CA SER A 319 4.11 2.58 -6.57
C SER A 319 4.79 3.54 -7.53
N GLY A 320 6.11 3.37 -7.70
CA GLY A 320 6.97 4.23 -8.48
C GLY A 320 7.06 3.89 -9.98
N ALA A 321 6.42 2.81 -10.40
CA ALA A 321 6.54 2.38 -11.77
C ALA A 321 5.88 3.41 -12.69
N ARG A 322 6.52 3.68 -13.81
CA ARG A 322 5.92 4.54 -14.80
C ARG A 322 4.73 3.84 -15.46
N PRO A 323 3.76 4.61 -16.00
CA PRO A 323 2.65 3.97 -16.74
C PRO A 323 3.12 2.97 -17.77
N ASP A 324 4.24 3.25 -18.40
CA ASP A 324 4.70 2.32 -19.44
C ASP A 324 5.02 0.94 -18.88
N GLU A 325 5.32 0.82 -17.59
CA GLU A 325 5.50 -0.54 -17.06
C GLU A 325 4.17 -1.30 -17.13
N ALA A 326 3.06 -0.61 -16.81
CA ALA A 326 1.74 -1.24 -16.86
C ALA A 326 1.34 -1.67 -18.27
N VAL A 327 1.80 -0.96 -19.30
CA VAL A 327 1.56 -1.37 -20.69
C VAL A 327 2.17 -2.73 -20.96
N SER A 328 3.37 -3.01 -20.40
CA SER A 328 3.96 -4.34 -20.63
C SER A 328 3.05 -5.47 -20.11
N TRP A 329 2.31 -5.25 -19.01
CA TRP A 329 1.41 -6.27 -18.45
C TRP A 329 0.05 -6.35 -19.16
N GLY A 330 -0.35 -5.33 -19.90
CA GLY A 330 -1.69 -5.31 -20.48
C GLY A 330 -2.69 -4.60 -19.58
N ILE A 332 -2.77 -1.26 -19.17
CA ILE A 332 -3.09 -0.05 -19.94
C ILE A 332 -3.00 -0.46 -21.40
N ARG A 333 -3.96 -0.04 -22.22
CA ARG A 333 -3.95 -0.44 -23.61
C ARG A 333 -2.71 0.14 -24.30
N VAL A 334 -2.22 -0.59 -25.29
CA VAL A 334 -1.00 -0.17 -25.98
C VAL A 334 -1.19 1.16 -26.68
N ASP A 335 -2.38 1.42 -27.18
CA ASP A 335 -2.63 2.67 -27.90
C ASP A 335 -3.15 3.78 -27.00
N ALA A 336 -3.20 3.58 -25.69
CA ALA A 336 -3.59 4.67 -24.79
C ALA A 336 -2.47 5.71 -24.72
N GLN A 337 -2.77 6.87 -24.15
CA GLN A 337 -1.76 7.92 -23.91
C GLN A 337 -1.73 8.29 -22.43
N PRO A 338 -1.23 7.41 -21.57
CA PRO A 338 -1.25 7.67 -20.13
C PRO A 338 -0.32 8.81 -19.77
N VAL A 339 -0.61 9.42 -18.64
CA VAL A 339 0.13 10.55 -18.12
C VAL A 339 0.39 10.32 -16.65
N LYS A 340 1.61 10.63 -16.19
CA LYS A 340 1.91 10.73 -14.79
C LYS A 340 2.37 12.14 -14.46
N VAL A 341 1.80 12.68 -13.40
CA VAL A 341 2.24 13.95 -12.85
C VAL A 341 2.98 13.62 -11.55
N TYR A 342 4.25 14.06 -11.46
CA TYR A 342 5.09 13.77 -10.29
C TYR A 342 4.91 14.91 -9.32
N ALA A 343 3.96 14.77 -8.39
CA ALA A 343 3.69 15.87 -7.48
C ALA A 343 2.79 15.37 -6.37
N ASP A 344 2.84 16.09 -5.24
CA ASP A 344 1.86 15.92 -4.15
C ASP A 344 0.46 16.25 -4.67
N ALA A 345 -0.43 15.27 -4.61
CA ALA A 345 -1.80 15.42 -5.08
C ALA A 345 -2.58 16.51 -4.33
N SER A 346 -2.16 16.89 -3.12
CA SER A 346 -2.90 17.92 -2.41
C SER A 346 -2.77 19.27 -3.12
N LEU A 347 -1.74 19.44 -3.92
CA LEU A 347 -1.58 20.63 -4.75
C LEU A 347 -2.29 20.48 -6.09
N VAL A 348 -2.11 19.36 -6.76
CA VAL A 348 -2.52 19.21 -8.16
CA VAL A 348 -2.56 19.37 -8.13
C VAL A 348 -4.00 18.86 -8.30
N PHE A 349 -4.51 17.99 -7.42
CA PHE A 349 -5.83 17.43 -7.71
C PHE A 349 -6.96 18.48 -7.70
N PRO A 350 -7.02 19.46 -6.78
CA PRO A 350 -8.09 20.48 -6.89
C PRO A 350 -7.99 21.33 -8.16
N LEU A 351 -6.77 21.59 -8.66
CA LEU A 351 -6.64 22.33 -9.92
C LEU A 351 -7.12 21.49 -11.11
N LEU A 352 -6.77 20.20 -11.12
CA LEU A 352 -7.24 19.29 -12.15
C LEU A 352 -8.77 19.23 -12.20
N VAL A 353 -9.40 19.09 -11.03
CA VAL A 353 -10.86 19.03 -10.96
C VAL A 353 -11.48 20.35 -11.44
N ALA A 354 -10.88 21.48 -11.08
CA ALA A 354 -11.37 22.79 -11.50
C ALA A 354 -11.47 22.90 -13.01
N GLU A 355 -10.50 22.34 -13.72
CA GLU A 355 -10.37 22.46 -15.17
C GLU A 355 -11.05 21.34 -15.93
N THR A 356 -11.60 20.34 -15.23
CA THR A 356 -12.23 19.21 -15.91
C THR A 356 -13.65 18.97 -15.42
N PHE A 357 -13.81 18.15 -14.37
CA PHE A 357 -15.16 17.82 -13.90
C PHE A 357 -16.00 19.07 -13.56
N ALA A 358 -15.41 20.03 -12.87
CA ALA A 358 -16.19 21.16 -12.43
C ALA A 358 -16.66 22.02 -13.59
N GLN A 359 -16.01 21.94 -14.73
CA GLN A 359 -16.48 22.70 -15.89
C GLN A 359 -17.70 22.07 -16.55
N LYS A 360 -17.97 20.80 -16.26
CA LYS A 360 -19.07 20.07 -16.89
C LYS A 360 -20.16 19.74 -15.88
N MET A 361 -20.15 20.43 -14.76
CA MET A 361 -21.08 20.11 -13.69
CA MET A 361 -21.08 20.12 -13.68
C MET A 361 -22.52 20.06 -14.20
N ASP A 362 -22.90 20.98 -15.08
CA ASP A 362 -24.26 20.99 -15.58
C ASP A 362 -24.64 19.66 -16.23
N ALA A 363 -23.68 18.96 -16.85
CA ALA A 363 -23.98 17.70 -17.53
C ALA A 363 -24.30 16.58 -16.58
N PHE A 364 -23.79 16.64 -15.36
CA PHE A 364 -23.91 15.55 -14.42
C PHE A 364 -25.09 15.70 -13.47
N MET A 365 -25.89 16.73 -13.66
CA MET A 365 -27.05 16.93 -12.81
C MET A 365 -28.38 16.57 -13.48
N ALA B 11 36.90 45.78 7.35
CA ALA B 11 35.82 44.84 7.05
C ALA B 11 34.65 45.14 7.99
N PRO B 12 33.42 45.09 7.48
CA PRO B 12 32.27 45.41 8.33
C PRO B 12 32.24 44.57 9.61
N ALA B 13 32.04 45.26 10.73
CA ALA B 13 32.14 44.61 12.04
C ALA B 13 31.04 43.59 12.24
N GLY B 14 29.79 43.94 11.90
CA GLY B 14 28.69 42.99 12.05
C GLY B 14 28.91 41.74 11.22
N ALA B 15 29.47 41.90 10.01
CA ALA B 15 29.76 40.75 9.16
C ALA B 15 30.74 39.80 9.85
N LEU B 16 31.87 40.33 10.32
CA LEU B 16 32.87 39.50 11.00
C LEU B 16 32.28 38.82 12.24
N ALA B 17 31.42 39.53 12.98
CA ALA B 17 30.78 38.95 14.16
C ALA B 17 29.81 37.84 13.79
N ALA B 18 29.14 37.95 12.63
CA ALA B 18 28.24 36.90 12.16
C ALA B 18 28.98 35.60 11.82
N VAL B 19 30.06 35.69 11.02
CA VAL B 19 30.71 34.50 10.46
C VAL B 19 31.73 33.87 11.43
N LEU B 20 32.39 34.69 12.25
CA LEU B 20 33.42 34.23 13.17
C LEU B 20 32.90 34.17 14.61
N LYS B 21 31.63 33.79 14.75
CA LYS B 21 31.00 33.52 16.04
C LYS B 21 31.80 32.49 16.85
N HIS B 22 31.89 32.71 18.16
CA HIS B 22 32.52 31.74 19.05
C HIS B 22 31.60 30.54 19.25
N SER B 23 32.20 29.37 19.49
CA SER B 23 31.43 28.16 19.70
C SER B 23 31.73 27.52 21.05
N SER B 24 30.80 26.66 21.46
CA SER B 24 30.92 25.83 22.64
C SER B 24 31.63 24.53 22.28
N THR B 25 32.29 23.98 23.28
CA THR B 25 33.02 22.70 23.18
C THR B 25 31.96 21.59 23.19
N LEU B 26 32.06 20.60 22.33
CA LEU B 26 31.11 19.48 22.27
C LEU B 26 31.39 18.54 23.44
N PRO B 27 30.46 17.68 23.89
CA PRO B 27 30.76 16.73 24.96
C PRO B 27 31.88 15.75 24.54
N PRO B 28 32.66 15.25 25.51
CA PRO B 28 33.82 14.39 25.21
C PRO B 28 33.47 13.05 24.56
N GLU B 29 32.24 12.53 24.71
CA GLU B 29 31.80 11.31 24.01
C GLU B 29 31.61 11.51 22.51
N SER B 30 31.97 12.69 21.99
CA SER B 30 31.67 13.05 20.61
C SER B 30 32.50 12.25 19.62
N THR B 31 31.83 11.67 18.64
CA THR B 31 32.50 10.84 17.67
C THR B 31 32.89 11.65 16.47
N GLN B 32 34.12 11.49 16.06
CA GLN B 32 34.67 12.22 14.92
C GLN B 32 34.35 11.50 13.64
N VAL B 33 34.14 12.30 12.60
CA VAL B 33 33.89 11.78 11.26
C VAL B 33 35.21 11.32 10.63
N ARG B 34 35.23 10.10 10.13
CA ARG B 34 36.39 9.55 9.46
C ARG B 34 35.96 8.34 8.66
N GLY B 35 36.38 8.28 7.40
CA GLY B 35 36.02 7.16 6.56
C GLY B 35 37.08 6.05 6.66
N TYR B 36 36.78 4.93 6.05
CA TYR B 36 37.74 3.83 6.00
C TYR B 36 38.95 4.22 5.16
N ASP B 37 40.13 3.85 5.63
CA ASP B 37 41.38 4.15 4.97
C ASP B 37 41.87 2.92 4.21
N PHE B 38 41.78 2.97 2.86
CA PHE B 38 42.19 1.84 2.03
C PHE B 38 43.70 1.63 2.01
N ASN B 39 44.51 2.52 2.61
CA ASN B 39 45.91 2.16 2.79
C ASN B 39 46.06 0.97 3.70
N ARG B 40 45.03 0.63 4.45
CA ARG B 40 45.09 -0.57 5.27
C ARG B 40 44.90 -1.85 4.46
N GLY B 41 44.53 -1.73 3.19
CA GLY B 41 44.08 -2.82 2.38
C GLY B 41 42.58 -2.98 2.51
N VAL B 42 42.09 -4.14 2.10
CA VAL B 42 40.64 -4.37 1.98
C VAL B 42 40.26 -5.48 2.98
N ASN B 43 39.80 -5.05 4.15
CA ASN B 43 39.20 -5.93 5.19
C ASN B 43 37.72 -5.53 5.15
N TYR B 44 36.86 -6.38 4.61
CA TYR B 44 35.42 -6.04 4.40
C TYR B 44 34.69 -5.81 5.72
N ARG B 45 35.10 -6.46 6.81
CA ARG B 45 34.44 -6.30 8.13
C ARG B 45 34.77 -4.93 8.67
N ALA B 46 36.03 -4.48 8.55
CA ALA B 46 36.45 -3.15 8.96
C ALA B 46 35.83 -2.08 8.06
N LEU B 47 35.70 -2.36 6.77
CA LEU B 47 35.06 -1.43 5.86
CA LEU B 47 35.06 -1.43 5.85
C LEU B 47 33.62 -1.16 6.27
N LEU B 48 32.86 -2.21 6.53
CA LEU B 48 31.46 -2.05 6.93
C LEU B 48 31.33 -1.35 8.29
N GLU B 49 32.21 -1.70 9.23
CA GLU B 49 32.17 -1.03 10.51
C GLU B 49 32.38 0.49 10.37
N ALA B 50 33.26 0.90 9.46
CA ALA B 50 33.56 2.33 9.24
C ALA B 50 32.37 3.12 8.67
N PHE B 51 31.32 2.46 8.18
CA PHE B 51 30.17 3.24 7.74
CA PHE B 51 30.10 3.16 7.78
C PHE B 51 29.63 4.09 8.89
N GLY B 52 29.72 3.60 10.13
CA GLY B 52 29.12 4.31 11.26
C GLY B 52 29.71 5.68 11.52
N THR B 53 30.97 5.88 11.16
CA THR B 53 31.59 7.20 11.27
C THR B 53 31.76 7.93 9.95
N THR B 54 31.13 7.49 8.88
CA THR B 54 31.24 8.12 7.56
C THR B 54 30.23 9.24 7.35
N GLY B 55 29.06 9.16 7.98
CA GLY B 55 28.08 10.21 7.92
C GLY B 55 26.94 9.86 6.98
N PHE B 56 25.92 10.74 6.97
CA PHE B 56 24.73 10.60 6.12
C PHE B 56 24.12 9.20 6.27
N GLN B 57 23.67 8.55 5.18
CA GLN B 57 23.01 7.24 5.35
C GLN B 57 23.98 6.13 5.75
N ALA B 58 25.28 6.28 5.50
CA ALA B 58 26.22 5.28 6.02
C ALA B 58 26.18 5.21 7.55
N THR B 59 26.11 6.35 8.21
CA THR B 59 25.94 6.36 9.67
C THR B 59 24.61 5.74 10.09
N ASN B 60 23.51 6.00 9.36
CA ASN B 60 22.24 5.34 9.71
C ASN B 60 22.32 3.83 9.55
N PHE B 61 23.04 3.36 8.54
CA PHE B 61 23.27 1.93 8.39
C PHE B 61 24.00 1.37 9.60
N GLY B 62 24.99 2.10 10.10
CA GLY B 62 25.73 1.65 11.25
C GLY B 62 24.84 1.56 12.48
N ARG B 63 23.93 2.52 12.61
CA ARG B 63 22.96 2.51 13.73
C ARG B 63 21.97 1.36 13.58
N ALA B 64 21.62 1.02 12.34
CA ALA B 64 20.70 -0.07 12.09
C ALA B 64 21.32 -1.42 12.47
N VAL B 65 22.60 -1.62 12.13
CA VAL B 65 23.35 -2.79 12.59
C VAL B 65 23.26 -2.91 14.10
N GLN B 66 23.45 -1.80 14.80
CA GLN B 66 23.44 -1.85 16.25
C GLN B 66 22.06 -2.21 16.79
N GLN B 67 21.01 -1.66 16.20
CA GLN B 67 19.63 -1.91 16.65
CA GLN B 67 19.69 -1.94 16.74
C GLN B 67 19.25 -3.35 16.41
N VAL B 68 19.64 -3.87 15.24
CA VAL B 68 19.32 -5.26 14.94
C VAL B 68 20.10 -6.18 15.87
N ASN B 69 21.40 -5.92 16.07
CA ASN B 69 22.13 -6.74 17.02
C ASN B 69 21.53 -6.69 18.41
N ALA B 70 20.95 -5.55 18.80
CA ALA B 70 20.31 -5.50 20.12
C ALA B 70 19.07 -6.38 20.19
N MET B 71 18.24 -6.39 19.15
CA MET B 71 17.06 -7.23 19.20
C MET B 71 17.45 -8.72 19.12
N ILE B 72 18.52 -9.08 18.43
CA ILE B 72 18.97 -10.47 18.41
C ILE B 72 19.44 -10.90 19.79
N GLU B 73 20.25 -10.06 20.42
CA GLU B 73 20.75 -10.41 21.74
C GLU B 73 19.62 -10.61 22.73
N LYS B 74 18.59 -9.76 22.68
CA LYS B 74 17.46 -9.94 23.57
C LYS B 74 16.71 -11.22 23.23
N LYS B 75 16.55 -11.51 21.93
CA LYS B 75 15.85 -12.72 21.52
C LYS B 75 16.59 -13.96 22.04
N LEU B 76 17.92 -13.91 22.12
CA LEU B 76 18.65 -15.07 22.58
C LEU B 76 18.74 -15.21 24.10
N GLU B 77 18.21 -14.27 24.88
CA GLU B 77 18.20 -14.47 26.34
C GLU B 77 17.23 -15.60 26.72
N PRO B 78 17.58 -16.44 27.69
CA PRO B 78 16.64 -17.50 28.10
C PRO B 78 15.36 -16.98 28.77
N LEU B 79 14.27 -17.70 28.55
CA LEU B 79 12.99 -17.41 29.21
C LEU B 79 12.94 -18.03 30.61
N GLN B 91 -3.48 -18.58 19.75
CA GLN B 91 -4.01 -19.60 18.85
C GLN B 91 -2.93 -20.07 17.88
N SER B 92 -1.64 -20.16 18.54
CA SER B 92 -0.35 -20.44 17.88
C SER B 92 0.46 -21.51 18.63
N ARG B 93 1.07 -22.45 17.89
CA ARG B 93 1.98 -23.45 18.45
C ARG B 93 3.45 -23.05 18.34
N ARG B 94 3.74 -21.83 17.90
CA ARG B 94 5.12 -21.35 17.89
C ARG B 94 5.53 -20.95 19.31
N PRO B 95 6.66 -21.43 19.80
CA PRO B 95 7.10 -21.06 21.15
C PRO B 95 7.58 -19.62 21.28
N LEU B 96 7.22 -19.03 22.41
CA LEU B 96 7.69 -17.72 22.79
C LEU B 96 9.21 -17.77 22.99
N THR B 97 9.88 -16.79 22.44
CA THR B 97 11.28 -16.45 22.76
C THR B 97 11.26 -15.12 23.49
N SER B 98 12.45 -14.66 23.90
CA SER B 98 12.51 -13.43 24.66
C SER B 98 12.29 -12.17 23.83
N CYS B 99 12.27 -12.27 22.50
CA CYS B 99 11.88 -11.10 21.71
C CYS B 99 11.34 -11.56 20.36
N THR B 100 10.12 -11.14 20.04
CA THR B 100 9.44 -11.51 18.80
C THR B 100 9.79 -10.51 17.71
N ILE B 101 10.34 -11.00 16.59
CA ILE B 101 10.83 -10.16 15.49
C ILE B 101 9.87 -10.28 14.33
N PHE B 102 9.31 -9.14 13.93
CA PHE B 102 8.41 -9.00 12.81
C PHE B 102 9.23 -8.52 11.62
N LEU B 103 9.10 -9.21 10.49
CA LEU B 103 9.83 -8.83 9.28
C LEU B 103 8.77 -8.54 8.23
N GLY B 104 8.82 -7.33 7.64
CA GLY B 104 7.90 -6.94 6.57
C GLY B 104 8.66 -6.54 5.31
N TYR B 105 8.10 -6.88 4.16
CA TYR B 105 8.77 -6.55 2.91
C TYR B 105 7.71 -6.45 1.81
N THR B 106 7.93 -5.50 0.90
CA THR B 106 7.06 -5.30 -0.26
C THR B 106 7.26 -6.39 -1.31
N SER B 107 6.29 -6.48 -2.22
CA SER B 107 6.26 -7.57 -3.17
C SER B 107 7.48 -7.62 -4.05
N ASN B 108 7.90 -6.46 -4.55
CA ASN B 108 8.97 -6.42 -5.53
C ASN B 108 10.27 -6.92 -4.94
N LEU B 109 10.40 -6.93 -3.62
CA LEU B 109 11.64 -7.46 -3.07
C LEU B 109 11.72 -8.99 -3.17
N ILE B 110 10.60 -9.69 -3.26
CA ILE B 110 10.60 -11.11 -3.57
C ILE B 110 10.88 -11.37 -5.04
N SER B 111 10.51 -10.43 -5.95
CA SER B 111 10.93 -10.53 -7.35
C SER B 111 12.45 -10.45 -7.50
N SER B 112 13.09 -9.63 -6.66
CA SER B 112 14.54 -9.46 -6.61
C SER B 112 15.19 -10.63 -5.91
N GLY B 113 16.54 -10.61 -5.91
CA GLY B 113 17.29 -11.62 -5.19
C GLY B 113 17.25 -11.49 -3.66
N ILE B 114 16.66 -10.43 -3.11
CA ILE B 114 16.43 -10.41 -1.64
C ILE B 114 15.56 -11.59 -1.18
N ARG B 115 14.82 -12.19 -2.09
CA ARG B 115 14.13 -13.46 -1.84
C ARG B 115 15.06 -14.45 -1.14
N GLU B 116 16.29 -14.60 -1.61
CA GLU B 116 17.23 -15.55 -0.98
C GLU B 116 17.63 -15.10 0.42
N THR B 117 17.80 -13.80 0.62
CA THR B 117 18.15 -13.30 1.94
C THR B 117 17.03 -13.61 2.94
N ILE B 118 15.80 -13.36 2.55
CA ILE B 118 14.66 -13.58 3.42
C ILE B 118 14.50 -15.08 3.67
N ARG B 119 14.68 -15.89 2.62
CA ARG B 119 14.56 -17.34 2.82
C ARG B 119 15.51 -17.81 3.92
N TYR B 120 16.76 -17.35 3.87
CA TYR B 120 17.75 -17.74 4.84
C TYR B 120 17.29 -17.45 6.27
N LEU B 121 16.70 -16.26 6.49
CA LEU B 121 16.29 -15.90 7.85
C LEU B 121 15.16 -16.81 8.34
N VAL B 122 14.24 -17.15 7.44
CA VAL B 122 13.07 -17.97 7.78
C VAL B 122 13.48 -19.42 7.99
N GLN B 123 14.37 -19.91 7.12
CA GLN B 123 14.91 -21.25 7.21
C GLN B 123 15.51 -21.53 8.57
N HIS B 124 16.22 -20.57 9.15
CA HIS B 124 16.88 -20.77 10.44
C HIS B 124 16.12 -20.16 11.63
N ASN B 125 14.84 -19.87 11.46
CA ASN B 125 13.98 -19.45 12.56
C ASN B 125 14.51 -18.20 13.24
N MET B 126 15.07 -17.27 12.45
CA MET B 126 15.65 -16.04 13.03
C MET B 126 14.63 -14.94 13.20
N VAL B 127 13.46 -15.04 12.54
CA VAL B 127 12.39 -14.07 12.69
C VAL B 127 11.14 -14.88 13.03
N ASP B 128 10.10 -14.20 13.47
CA ASP B 128 8.93 -14.89 14.07
C ASP B 128 7.64 -14.68 13.33
N VAL B 129 7.49 -13.56 12.62
CA VAL B 129 6.25 -13.18 11.96
C VAL B 129 6.66 -12.51 10.65
N LEU B 130 6.08 -12.96 9.54
CA LEU B 130 6.22 -12.29 8.24
C LEU B 130 4.96 -11.55 7.82
N VAL B 131 5.16 -10.38 7.19
CA VAL B 131 4.08 -9.67 6.55
C VAL B 131 4.55 -9.23 5.16
N THR B 132 3.76 -9.52 4.14
CA THR B 132 4.09 -9.11 2.78
C THR B 132 2.78 -8.94 2.03
N THR B 133 2.85 -8.26 0.91
CA THR B 133 1.71 -8.17 0.02
C THR B 133 1.65 -9.39 -0.91
N ALA B 134 0.58 -9.46 -1.72
CA ALA B 134 0.29 -10.69 -2.45
C ALA B 134 1.42 -11.06 -3.40
N GLY B 135 1.98 -10.10 -4.13
CA GLY B 135 3.09 -10.42 -5.02
C GLY B 135 4.25 -11.08 -4.30
N GLY B 136 4.50 -10.65 -3.07
CA GLY B 136 5.56 -11.24 -2.27
C GLY B 136 5.27 -12.67 -1.84
N VAL B 137 4.03 -13.12 -1.96
CA VAL B 137 3.72 -14.55 -1.77
C VAL B 137 3.90 -15.31 -3.07
N GLU B 138 3.13 -14.91 -4.08
CA GLU B 138 3.05 -15.71 -5.28
C GLU B 138 4.38 -15.80 -6.01
N GLU B 139 5.18 -14.72 -6.06
CA GLU B 139 6.40 -14.79 -6.85
CA GLU B 139 6.39 -14.80 -6.86
C GLU B 139 7.46 -15.70 -6.25
N ASP B 140 7.42 -15.94 -4.95
CA ASP B 140 8.32 -16.92 -4.34
C ASP B 140 7.98 -18.32 -4.82
N LEU B 141 6.67 -18.58 -4.98
CA LEU B 141 6.26 -19.89 -5.47
C LEU B 141 6.54 -20.04 -6.94
N ILE B 142 6.28 -18.99 -7.72
CA ILE B 142 6.52 -19.06 -9.16
C ILE B 142 8.01 -19.27 -9.47
N LYS B 143 8.89 -18.67 -8.67
CA LYS B 143 10.33 -18.86 -8.87
C LYS B 143 10.77 -20.32 -8.70
N CYS B 144 10.01 -21.12 -7.95
CA CYS B 144 10.29 -22.55 -7.91
C CYS B 144 9.91 -23.24 -9.20
N LEU B 145 9.07 -22.64 -10.04
CA LEU B 145 8.67 -23.24 -11.32
C LEU B 145 9.43 -22.69 -12.51
N ALA B 146 9.84 -21.43 -12.47
CA ALA B 146 10.45 -20.77 -13.61
C ALA B 146 11.16 -19.51 -13.10
N PRO B 147 12.25 -19.10 -13.73
CA PRO B 147 13.00 -17.96 -13.17
C PRO B 147 12.51 -16.62 -13.68
N THR B 148 12.98 -15.60 -12.99
CA THR B 148 12.90 -14.21 -13.34
C THR B 148 14.28 -13.81 -13.87
N TYR B 149 14.27 -12.85 -14.80
CA TYR B 149 15.46 -12.47 -15.55
C TYR B 149 15.77 -11.00 -15.36
N LEU B 150 17.02 -10.64 -15.62
CA LEU B 150 17.46 -9.25 -15.53
C LEU B 150 17.11 -8.55 -16.83
N GLY B 151 16.67 -7.27 -16.73
CA GLY B 151 16.46 -6.44 -17.90
C GLY B 151 16.95 -5.01 -17.65
N GLU B 152 16.15 -4.03 -18.02
CA GLU B 152 16.48 -2.63 -17.80
C GLU B 152 15.16 -1.88 -17.59
N PHE B 153 15.23 -0.73 -16.90
CA PHE B 153 14.00 0.04 -16.65
C PHE B 153 13.42 0.65 -17.93
N SER B 154 14.26 0.90 -18.92
CA SER B 154 13.90 1.73 -20.07
C SER B 154 13.23 0.94 -21.18
N LEU B 155 13.12 -0.38 -21.05
CA LEU B 155 12.50 -1.18 -22.11
C LEU B 155 11.03 -0.76 -22.33
N ARG B 156 10.62 -0.65 -23.57
CA ARG B 156 9.29 -0.11 -23.86
C ARG B 156 8.18 -1.15 -23.70
N GLY B 157 7.06 -0.70 -23.09
CA GLY B 157 5.95 -1.60 -22.76
C GLY B 157 5.33 -2.26 -23.97
N LYS B 158 5.19 -1.53 -25.07
CA LYS B 158 4.54 -2.10 -26.25
C LYS B 158 5.34 -3.28 -26.81
N GLU B 159 6.67 -3.11 -26.93
CA GLU B 159 7.50 -4.20 -27.44
CA GLU B 159 7.50 -4.19 -27.45
C GLU B 159 7.55 -5.39 -26.50
N LEU B 160 7.53 -5.15 -25.18
CA LEU B 160 7.53 -6.26 -24.24
C LEU B 160 6.20 -7.03 -24.31
N ARG B 161 5.10 -6.28 -24.34
CA ARG B 161 3.75 -6.87 -24.42
C ARG B 161 3.63 -7.73 -25.67
N GLU B 162 4.14 -7.22 -26.79
CA GLU B 162 4.08 -7.99 -28.04
C GLU B 162 4.84 -9.32 -27.95
N ASN B 163 5.91 -9.40 -27.15
CA ASN B 163 6.70 -10.61 -27.00
C ASN B 163 6.35 -11.40 -25.74
N GLY B 164 5.24 -11.06 -25.08
CA GLY B 164 4.81 -11.82 -23.91
C GLY B 164 5.73 -11.76 -22.71
N ILE B 165 6.33 -10.60 -22.46
CA ILE B 165 7.23 -10.38 -21.33
C ILE B 165 6.71 -9.24 -20.48
N ASN B 166 6.65 -9.45 -19.18
CA ASN B 166 6.14 -8.47 -18.20
C ASN B 166 7.32 -7.85 -17.44
N ARG B 167 7.30 -6.54 -17.23
CA ARG B 167 8.43 -5.87 -16.59
C ARG B 167 8.12 -5.59 -15.13
N ILE B 168 9.10 -5.82 -14.24
CA ILE B 168 9.04 -5.42 -12.83
C ILE B 168 10.31 -4.63 -12.56
N GLY B 169 10.25 -3.29 -12.67
CA GLY B 169 11.49 -2.52 -12.51
C GLY B 169 12.46 -2.84 -13.63
N ASN B 170 13.67 -3.30 -13.27
CA ASN B 170 14.63 -3.78 -14.28
C ASN B 170 14.67 -5.31 -14.34
N LEU B 171 13.59 -5.98 -13.98
CA LEU B 171 13.45 -7.44 -14.04
C LEU B 171 12.39 -7.79 -15.06
N LEU B 172 12.42 -9.04 -15.57
CA LEU B 172 11.52 -9.48 -16.63
C LEU B 172 10.97 -10.85 -16.26
N VAL B 173 9.65 -11.01 -16.36
CA VAL B 173 8.95 -12.28 -16.09
CA VAL B 173 8.99 -12.28 -16.10
C VAL B 173 8.16 -12.67 -17.34
N PRO B 174 8.50 -13.77 -18.03
CA PRO B 174 7.69 -14.21 -19.16
C PRO B 174 6.28 -14.57 -18.72
N ASN B 175 5.31 -14.35 -19.62
CA ASN B 175 3.96 -14.79 -19.40
C ASN B 175 3.90 -16.28 -19.06
N GLU B 176 4.74 -17.09 -19.71
CA GLU B 176 4.73 -18.54 -19.49
C GLU B 176 4.77 -18.85 -17.99
N ASN B 177 5.48 -18.02 -17.21
CA ASN B 177 5.61 -18.28 -15.78
C ASN B 177 4.25 -18.38 -15.13
N TYR B 178 3.31 -17.50 -15.53
CA TYR B 178 1.97 -17.46 -14.93
C TYR B 178 1.12 -18.65 -15.40
N LYS B 180 2.36 -21.66 -15.97
CA LYS B 180 2.86 -22.76 -15.14
C LYS B 180 2.26 -22.71 -13.73
N PHE B 181 2.12 -21.48 -13.20
CA PHE B 181 1.53 -21.26 -11.89
C PHE B 181 0.07 -21.67 -11.87
N GLU B 182 -0.66 -21.33 -12.92
CA GLU B 182 -2.05 -21.72 -13.02
C GLU B 182 -2.20 -23.23 -12.97
N ASP B 183 -1.39 -23.94 -13.77
CA ASP B 183 -1.46 -25.39 -13.83
C ASP B 183 -1.16 -26.02 -12.48
N TRP B 184 -0.20 -25.46 -11.76
CA TRP B 184 0.18 -25.96 -10.43
C TRP B 184 -0.91 -25.67 -9.40
N LEU B 185 -1.53 -24.50 -9.46
CA LEU B 185 -2.39 -24.00 -8.39
C LEU B 185 -3.83 -24.51 -8.45
N MET B 186 -4.39 -24.75 -9.64
CA MET B 186 -5.82 -25.05 -9.74
C MET B 186 -6.22 -26.29 -8.93
N PRO B 187 -5.50 -27.41 -8.97
CA PRO B 187 -5.89 -28.57 -8.14
C PRO B 187 -5.85 -28.28 -6.64
N ILE B 188 -4.92 -27.43 -6.20
CA ILE B 188 -4.88 -27.04 -4.80
C ILE B 188 -6.10 -26.23 -4.42
N LEU B 189 -6.53 -25.29 -5.28
CA LEU B 189 -7.76 -24.55 -4.98
C LEU B 189 -8.98 -25.48 -4.90
N ASP B 190 -9.05 -26.48 -5.77
CA ASP B 190 -10.12 -27.48 -5.65
C ASP B 190 -10.12 -28.12 -4.26
N GLN B 191 -8.95 -28.57 -3.79
CA GLN B 191 -8.89 -29.21 -2.47
C GLN B 191 -9.29 -28.23 -1.36
N MET B 192 -8.84 -26.98 -1.45
CA MET B 192 -9.23 -26.00 -0.43
C MET B 192 -10.74 -25.82 -0.36
N VAL B 193 -11.41 -25.77 -1.52
CA VAL B 193 -12.87 -25.62 -1.48
C VAL B 193 -13.50 -26.84 -0.82
N MET B 194 -13.05 -28.03 -1.22
CA MET B 194 -13.63 -29.26 -0.67
C MET B 194 -13.40 -29.32 0.83
N GLU B 195 -12.22 -28.90 1.30
CA GLU B 195 -11.97 -28.94 2.76
C GLU B 195 -12.82 -27.93 3.53
N GLN B 196 -13.08 -26.80 2.91
CA GLN B 196 -13.95 -25.79 3.51
C GLN B 196 -15.34 -26.36 3.69
N ASN B 197 -15.85 -27.03 2.68
CA ASN B 197 -17.25 -27.37 2.63
C ASN B 197 -17.51 -28.64 3.42
N THR B 198 -16.53 -29.52 3.55
CA THR B 198 -16.77 -30.79 4.21
C THR B 198 -15.95 -31.03 5.46
N GLU B 199 -14.86 -30.32 5.67
CA GLU B 199 -14.09 -30.45 6.91
C GLU B 199 -14.13 -29.20 7.77
N GLY B 200 -14.95 -28.21 7.40
CA GLY B 200 -15.20 -27.03 8.20
C GLY B 200 -14.10 -25.99 8.25
N VAL B 201 -13.13 -26.08 7.36
CA VAL B 201 -11.95 -25.16 7.36
C VAL B 201 -12.42 -23.75 6.99
N LYS B 202 -12.11 -22.73 7.81
CA LYS B 202 -12.44 -21.31 7.50
C LYS B 202 -11.15 -20.66 6.99
N TRP B 203 -10.96 -20.56 5.68
CA TRP B 203 -9.69 -20.08 5.11
C TRP B 203 -9.41 -18.60 5.38
N THR B 204 -8.18 -18.23 5.72
CA THR B 204 -7.65 -16.88 5.83
C THR B 204 -6.38 -16.81 5.02
N PRO B 205 -5.85 -15.61 4.78
CA PRO B 205 -4.57 -15.52 4.07
C PRO B 205 -3.45 -16.33 4.73
N SER B 206 -3.21 -16.18 6.04
CA SER B 206 -2.12 -16.92 6.65
C SER B 206 -2.28 -18.45 6.48
N LYS B 207 -3.51 -18.95 6.56
CA LYS B 207 -3.68 -20.40 6.46
C LYS B 207 -3.43 -20.87 5.04
N MET B 208 -3.88 -20.08 4.06
CA MET B 208 -3.64 -20.40 2.67
C MET B 208 -2.16 -20.36 2.34
N ILE B 209 -1.46 -19.37 2.87
CA ILE B 209 -0.03 -19.26 2.59
C ILE B 209 0.73 -20.44 3.19
N ALA B 210 0.37 -20.86 4.39
CA ALA B 210 0.99 -22.05 4.95
C ALA B 210 0.75 -23.26 4.07
N ARG B 211 -0.49 -23.42 3.59
CA ARG B 211 -0.79 -24.58 2.75
C ARG B 211 0.02 -24.51 1.45
N LEU B 212 0.11 -23.31 0.84
CA LEU B 212 0.82 -23.21 -0.43
C LEU B 212 2.30 -23.54 -0.22
N GLY B 213 2.86 -23.12 0.92
CA GLY B 213 4.27 -23.42 1.19
C GLY B 213 4.48 -24.91 1.37
N LYS B 214 3.52 -25.58 2.01
CA LYS B 214 3.64 -27.03 2.14
C LYS B 214 3.57 -27.70 0.77
N GLU B 215 2.66 -27.26 -0.09
CA GLU B 215 2.49 -27.86 -1.41
C GLU B 215 3.70 -27.63 -2.33
N ILE B 216 4.33 -26.45 -2.30
CA ILE B 216 5.45 -26.23 -3.23
C ILE B 216 6.63 -27.15 -2.90
N ASN B 217 6.78 -27.55 -1.64
CA ASN B 217 7.71 -28.59 -1.22
C ASN B 217 9.11 -28.45 -1.86
N ASN B 218 9.72 -27.32 -1.63
CA ASN B 218 10.95 -26.98 -2.33
C ASN B 218 11.75 -26.08 -1.39
N PRO B 219 12.97 -26.47 -1.02
CA PRO B 219 13.71 -25.70 -0.01
C PRO B 219 14.29 -24.40 -0.51
N GLU B 220 14.10 -24.05 -1.77
CA GLU B 220 14.38 -22.65 -2.16
C GLU B 220 13.27 -21.67 -1.79
N SER B 221 12.11 -22.14 -1.38
CA SER B 221 10.94 -21.29 -1.15
C SER B 221 10.91 -20.73 0.27
N VAL B 222 10.71 -19.42 0.36
CA VAL B 222 10.48 -18.77 1.64
C VAL B 222 9.33 -19.45 2.39
N TYR B 223 8.19 -19.69 1.71
CA TYR B 223 6.98 -20.12 2.43
C TYR B 223 7.00 -21.60 2.76
N TYR B 224 7.77 -22.40 2.02
CA TYR B 224 8.05 -23.77 2.47
C TYR B 224 8.68 -23.76 3.87
N TRP B 225 9.72 -22.94 4.05
CA TRP B 225 10.39 -22.88 5.34
C TRP B 225 9.51 -22.25 6.41
N ALA B 226 8.74 -21.24 6.05
CA ALA B 226 7.86 -20.62 7.04
C ALA B 226 6.86 -21.64 7.62
N GLN B 227 6.24 -22.47 6.78
CA GLN B 227 5.28 -23.42 7.33
C GLN B 227 6.00 -24.55 8.07
N LYS B 228 7.18 -24.94 7.61
CA LYS B 228 7.93 -25.98 8.32
C LYS B 228 8.33 -25.51 9.71
N ASN B 229 8.65 -24.24 9.86
CA ASN B 229 9.10 -23.66 11.12
C ASN B 229 7.98 -22.95 11.90
N HIS B 230 6.73 -23.05 11.48
CA HIS B 230 5.60 -22.45 12.22
C HIS B 230 5.74 -20.92 12.35
N ILE B 231 6.25 -20.30 11.29
CA ILE B 231 6.29 -18.85 11.18
C ILE B 231 5.05 -18.39 10.40
N PRO B 232 4.13 -17.66 11.02
CA PRO B 232 2.93 -17.21 10.28
C PRO B 232 3.26 -16.07 9.33
N VAL B 233 2.49 -16.00 8.24
CA VAL B 233 2.64 -15.00 7.21
C VAL B 233 1.30 -14.31 7.08
N PHE B 234 1.28 -13.00 7.25
CA PHE B 234 0.06 -12.23 7.04
C PHE B 234 0.11 -11.38 5.76
N SER B 235 -1.05 -11.29 5.09
CA SER B 235 -1.18 -10.60 3.81
C SER B 235 -2.66 -10.28 3.59
N PRO B 236 -3.17 -9.22 4.20
CA PRO B 236 -4.63 -9.03 4.23
C PRO B 236 -5.23 -8.70 2.87
N ALA B 237 -4.48 -8.14 1.92
CA ALA B 237 -4.98 -7.94 0.57
C ALA B 237 -4.41 -8.99 -0.39
N LEU B 238 -4.64 -10.27 -0.04
CA LEU B 238 -3.99 -11.36 -0.77
C LEU B 238 -4.51 -11.48 -2.19
N THR B 239 -5.68 -10.91 -2.46
CA THR B 239 -6.30 -10.92 -3.79
C THR B 239 -5.68 -9.94 -4.78
N ASP B 240 -4.76 -9.08 -4.35
CA ASP B 240 -4.24 -8.02 -5.25
C ASP B 240 -2.98 -8.51 -5.93
N GLY B 241 -3.17 -9.37 -6.91
CA GLY B 241 -2.04 -10.02 -7.55
C GLY B 241 -2.48 -11.16 -8.44
N SER B 242 -1.50 -11.94 -8.91
CA SER B 242 -1.78 -13.07 -9.78
CA SER B 242 -1.82 -13.05 -9.79
C SER B 242 -2.58 -14.16 -9.06
N LEU B 243 -2.28 -14.37 -7.77
CA LEU B 243 -3.04 -15.33 -6.99
CA LEU B 243 -3.04 -15.32 -6.97
C LEU B 243 -4.51 -14.93 -7.00
N GLY B 244 -4.79 -13.63 -6.93
CA GLY B 244 -6.16 -13.18 -7.03
C GLY B 244 -6.78 -13.49 -8.39
N ASP B 245 -6.03 -13.24 -9.47
CA ASP B 245 -6.52 -13.62 -10.79
C ASP B 245 -6.95 -15.09 -10.79
N MET B 246 -6.08 -15.98 -10.28
CA MET B 246 -6.33 -17.43 -10.32
C MET B 246 -7.56 -17.80 -9.50
N ILE B 247 -7.69 -17.18 -8.33
CA ILE B 247 -8.87 -17.40 -7.50
C ILE B 247 -10.12 -16.94 -8.23
N PHE B 248 -10.02 -15.81 -8.92
CA PHE B 248 -11.15 -15.30 -9.69
C PHE B 248 -11.57 -16.29 -10.79
N PHE B 249 -10.64 -16.70 -11.65
CA PHE B 249 -11.04 -17.61 -12.72
C PHE B 249 -11.52 -18.94 -12.13
N HIS B 250 -10.88 -19.39 -11.06
CA HIS B 250 -11.24 -20.69 -10.48
C HIS B 250 -12.66 -20.67 -9.94
N SER B 251 -13.10 -19.51 -9.44
CA SER B 251 -14.40 -19.43 -8.78
C SER B 251 -15.56 -19.62 -9.74
N TYR B 252 -15.36 -19.42 -11.04
CA TYR B 252 -16.43 -19.75 -11.97
C TYR B 252 -16.47 -21.23 -12.33
N LYS B 253 -15.35 -21.93 -12.15
CA LYS B 253 -15.29 -23.37 -12.37
C LYS B 253 -15.67 -24.18 -11.13
N ASN B 254 -15.48 -23.61 -9.96
CA ASN B 254 -15.63 -24.32 -8.69
C ASN B 254 -15.94 -23.27 -7.64
N PRO B 255 -17.18 -22.83 -7.57
CA PRO B 255 -17.52 -21.69 -6.72
C PRO B 255 -17.51 -22.07 -5.25
N GLY B 256 -17.32 -21.06 -4.40
CA GLY B 256 -17.51 -21.29 -2.99
C GLY B 256 -16.41 -20.82 -2.06
N LEU B 257 -15.20 -20.59 -2.57
CA LEU B 257 -14.10 -20.28 -1.66
C LEU B 257 -14.33 -18.93 -0.98
N VAL B 258 -14.11 -18.90 0.33
CA VAL B 258 -14.18 -17.70 1.15
C VAL B 258 -12.82 -17.48 1.80
N LEU B 259 -12.35 -16.24 1.77
CA LEU B 259 -11.11 -15.86 2.46
CA LEU B 259 -11.07 -15.84 2.44
C LEU B 259 -11.35 -14.69 3.45
N ASP B 260 -11.37 -15.08 4.72
CA ASP B 260 -11.69 -14.15 5.78
C ASP B 260 -10.42 -13.42 6.22
N ILE B 261 -10.52 -12.09 6.39
CA ILE B 261 -9.40 -11.33 6.95
C ILE B 261 -9.57 -11.01 8.44
N VAL B 262 -10.73 -11.23 9.04
CA VAL B 262 -10.92 -10.86 10.45
C VAL B 262 -10.09 -11.76 11.37
N GLU B 263 -10.17 -13.09 11.19
CA GLU B 263 -9.41 -13.99 12.06
CA GLU B 263 -9.40 -14.01 12.04
C GLU B 263 -7.90 -13.69 11.98
N ASP B 264 -7.38 -13.31 10.77
CA ASP B 264 -5.96 -13.02 10.65
C ASP B 264 -5.58 -11.74 11.38
N LEU B 265 -6.50 -10.77 11.49
CA LEU B 265 -6.21 -9.62 12.33
C LEU B 265 -6.05 -10.03 13.80
N ARG B 266 -6.95 -10.90 14.27
CA ARG B 266 -6.82 -11.44 15.60
C ARG B 266 -5.48 -12.12 15.82
N LEU B 267 -5.03 -12.91 14.84
CA LEU B 267 -3.80 -13.68 15.00
C LEU B 267 -2.57 -12.77 15.02
N ILE B 268 -2.47 -11.80 14.11
CA ILE B 268 -1.29 -10.94 14.14
C ILE B 268 -1.26 -10.10 15.42
N ASN B 269 -2.39 -9.53 15.82
CA ASN B 269 -2.39 -8.67 16.99
C ASN B 269 -2.04 -9.42 18.27
N THR B 270 -2.45 -10.69 18.38
CA THR B 270 -2.09 -11.42 19.61
C THR B 270 -0.60 -11.85 19.62
N GLN B 271 0.05 -11.99 18.46
CA GLN B 271 1.50 -12.15 18.45
C GLN B 271 2.19 -10.96 19.16
N ALA B 272 1.69 -9.75 18.95
CA ALA B 272 2.28 -8.61 19.64
C ALA B 272 1.87 -8.53 21.10
N ILE B 273 0.59 -8.76 21.39
CA ILE B 273 0.08 -8.52 22.74
C ILE B 273 0.79 -9.41 23.75
N PHE B 274 1.05 -10.66 23.38
CA PHE B 274 1.61 -11.61 24.33
C PHE B 274 3.12 -11.75 24.22
N ALA B 275 3.79 -10.87 23.49
CA ALA B 275 5.25 -10.90 23.42
C ALA B 275 5.88 -10.30 24.67
N LYS B 276 7.09 -10.80 24.97
CA LYS B 276 7.91 -10.21 26.05
C LYS B 276 8.57 -8.93 25.59
N CYS B 277 8.82 -8.84 24.29
CA CYS B 277 9.64 -7.86 23.62
C CYS B 277 9.32 -8.01 22.13
N THR B 278 9.26 -6.89 21.40
CA THR B 278 9.11 -6.98 19.97
C THR B 278 10.14 -6.10 19.26
N GLY B 279 10.54 -6.56 18.09
CA GLY B 279 11.33 -5.75 17.18
C GLY B 279 10.67 -5.80 15.82
N MET B 280 10.80 -4.69 15.08
CA MET B 280 10.30 -4.60 13.72
C MET B 280 11.42 -4.29 12.76
N ILE B 281 11.48 -5.04 11.69
CA ILE B 281 12.42 -4.76 10.59
C ILE B 281 11.56 -4.65 9.37
N ILE B 282 11.46 -3.47 8.78
CA ILE B 282 10.50 -3.24 7.72
C ILE B 282 11.22 -2.75 6.48
N LEU B 283 11.08 -3.50 5.39
CA LEU B 283 11.67 -3.18 4.10
C LEU B 283 10.55 -2.64 3.22
N GLY B 284 10.63 -1.36 2.90
CA GLY B 284 9.58 -0.74 2.14
C GLY B 284 8.47 -0.17 2.99
N GLY B 285 7.39 0.21 2.30
CA GLY B 285 6.31 0.91 2.93
C GLY B 285 4.97 0.28 2.63
N GLY B 286 3.89 1.02 2.83
CA GLY B 286 2.58 0.59 2.40
C GLY B 286 1.89 -0.25 3.49
N VAL B 287 1.03 -1.17 3.06
CA VAL B 287 0.33 -2.07 3.98
C VAL B 287 1.30 -2.79 4.91
N VAL B 288 2.43 -3.28 4.35
CA VAL B 288 3.33 -4.11 5.17
C VAL B 288 3.86 -3.32 6.34
N LYS B 289 4.16 -2.03 6.15
CA LYS B 289 4.72 -1.23 7.23
C LYS B 289 3.65 -0.91 8.27
N HIS B 290 2.50 -0.43 7.82
CA HIS B 290 1.46 -0.01 8.75
C HIS B 290 0.94 -1.21 9.54
N HIS B 291 0.80 -2.36 8.90
CA HIS B 291 0.11 -3.48 9.54
C HIS B 291 0.95 -4.01 10.71
N ILE B 292 2.27 -4.07 10.53
CA ILE B 292 3.17 -4.47 11.61
C ILE B 292 3.16 -3.42 12.72
N ALA B 293 3.27 -2.14 12.36
CA ALA B 293 3.29 -1.11 13.37
C ALA B 293 1.99 -1.07 14.13
N ASN B 294 0.85 -1.24 13.43
CA ASN B 294 -0.42 -1.21 14.14
C ASN B 294 -0.58 -2.39 15.10
N ALA B 295 -0.08 -3.58 14.73
CA ALA B 295 -0.08 -4.68 15.69
C ALA B 295 0.68 -4.34 16.96
N ASN B 296 1.79 -3.60 16.83
CA ASN B 296 2.61 -3.29 18.00
C ASN B 296 2.06 -2.16 18.84
N LEU B 297 1.18 -1.32 18.27
CA LEU B 297 0.42 -0.38 19.10
C LEU B 297 -0.37 -1.09 20.19
N MET B 298 -0.88 -2.31 19.89
CA MET B 298 -1.68 -3.04 20.87
CA MET B 298 -1.68 -3.06 20.87
C MET B 298 -0.93 -3.40 22.14
N ARG B 299 0.41 -3.29 22.15
CA ARG B 299 1.19 -3.48 23.36
C ARG B 299 1.86 -2.19 23.83
N ASN B 300 1.40 -1.06 23.33
CA ASN B 300 2.00 0.25 23.60
C ASN B 300 3.37 0.42 22.98
N GLY B 301 3.67 -0.34 21.94
CA GLY B 301 4.78 -0.01 21.06
C GLY B 301 5.87 -1.03 20.99
N ALA B 302 6.57 -1.09 19.86
CA ALA B 302 7.73 -1.95 19.70
C ALA B 302 8.95 -1.44 20.49
N ASP B 303 9.78 -2.38 20.95
CA ASP B 303 10.99 -2.07 21.69
C ASP B 303 12.12 -1.64 20.75
N TYR B 304 12.14 -2.19 19.53
CA TYR B 304 13.17 -1.95 18.53
C TYR B 304 12.51 -1.80 17.17
N ALA B 305 13.07 -0.92 16.35
CA ALA B 305 12.50 -0.68 15.03
C ALA B 305 13.57 -0.20 14.06
N VAL B 306 13.65 -0.86 12.90
CA VAL B 306 14.52 -0.46 11.80
C VAL B 306 13.67 -0.41 10.55
N TYR B 307 13.69 0.73 9.87
CA TYR B 307 13.02 0.92 8.59
C TYR B 307 14.09 1.04 7.50
N ILE B 308 13.92 0.34 6.40
CA ILE B 308 14.73 0.60 5.20
C ILE B 308 13.76 0.89 4.06
N ASN B 309 13.66 2.16 3.64
CA ASN B 309 12.77 2.46 2.55
C ASN B 309 13.19 3.78 1.88
N THR B 310 12.66 3.96 0.71
CA THR B 310 12.96 5.05 -0.19
C THR B 310 11.94 6.17 -0.19
N ALA B 311 10.90 6.06 0.60
CA ALA B 311 9.83 7.07 0.59
C ALA B 311 10.23 8.27 1.45
N GLN B 312 9.60 9.40 1.16
CA GLN B 312 9.87 10.69 1.82
C GLN B 312 8.61 11.22 2.52
N GLU B 313 8.83 12.03 3.55
CA GLU B 313 7.69 12.43 4.41
C GLU B 313 6.78 13.49 3.80
N PHE B 314 7.29 14.30 2.86
CA PHE B 314 6.66 15.55 2.49
C PHE B 314 5.22 15.43 1.99
N ASP B 315 4.83 14.25 1.47
CA ASP B 315 3.52 14.05 0.87
C ASP B 315 2.50 13.55 1.91
N GLY B 316 2.88 13.50 3.19
CA GLY B 316 2.04 13.04 4.31
C GLY B 316 1.76 11.55 4.32
N SER B 317 2.46 10.78 3.49
CA SER B 317 2.16 9.36 3.38
C SER B 317 2.62 8.61 4.61
N ASP B 318 1.96 7.46 4.87
CA ASP B 318 2.44 6.57 5.90
C ASP B 318 3.76 5.92 5.48
N SER B 319 3.89 5.60 4.19
CA SER B 319 5.10 5.01 3.68
C SER B 319 6.30 5.85 4.00
N GLY B 320 6.17 7.17 3.79
CA GLY B 320 7.27 8.12 3.91
C GLY B 320 7.45 8.69 5.31
N ALA B 321 6.58 8.33 6.25
CA ALA B 321 6.63 8.90 7.58
C ALA B 321 7.89 8.48 8.32
N ARG B 322 8.52 9.42 9.02
CA ARG B 322 9.68 9.07 9.81
C ARG B 322 9.26 8.20 11.00
N PRO B 323 10.19 7.42 11.57
CA PRO B 323 9.84 6.66 12.79
C PRO B 323 9.25 7.52 13.90
N ASP B 324 9.65 8.80 13.99
CA ASP B 324 9.13 9.61 15.08
C ASP B 324 7.64 9.90 14.93
N GLU B 325 7.08 9.73 13.73
CA GLU B 325 5.62 9.91 13.60
C GLU B 325 4.94 8.75 14.33
N ALA B 326 5.48 7.54 14.19
CA ALA B 326 4.92 6.37 14.85
C ALA B 326 5.02 6.46 16.38
N VAL B 327 6.07 7.12 16.92
CA VAL B 327 6.10 7.35 18.36
C VAL B 327 4.87 8.10 18.80
N SER B 328 4.39 9.08 17.99
CA SER B 328 3.23 9.88 18.43
C SER B 328 1.98 9.02 18.59
N TRP B 329 1.84 7.94 17.81
CA TRP B 329 0.70 7.03 17.87
C TRP B 329 0.82 6.00 18.99
N GLY B 330 2.04 5.71 19.46
CA GLY B 330 2.23 4.63 20.43
C GLY B 330 2.65 3.30 19.74
N ILE B 332 5.70 2.78 18.41
CA ILE B 332 7.09 2.61 18.82
C ILE B 332 7.15 3.20 20.20
N ARG B 333 7.71 2.48 21.19
CA ARG B 333 7.83 3.02 22.54
C ARG B 333 8.59 4.36 22.54
N VAL B 334 8.24 5.23 23.48
CA VAL B 334 8.91 6.53 23.58
C VAL B 334 10.39 6.37 23.92
N ASP B 335 10.76 5.30 24.62
CA ASP B 335 12.13 5.04 25.04
C ASP B 335 12.93 4.30 23.98
N ALA B 336 12.34 3.97 22.83
CA ALA B 336 13.06 3.23 21.81
C ALA B 336 14.01 4.16 21.05
N GLN B 337 14.89 3.57 20.26
CA GLN B 337 15.85 4.30 19.44
C GLN B 337 15.70 3.84 18.02
N PRO B 338 14.58 4.18 17.37
CA PRO B 338 14.32 3.67 16.02
C PRO B 338 15.27 4.29 15.02
N VAL B 339 15.47 3.60 13.91
CA VAL B 339 16.41 4.02 12.86
C VAL B 339 15.72 3.85 11.53
N LYS B 340 15.88 4.83 10.63
CA LYS B 340 15.54 4.65 9.24
C LYS B 340 16.77 4.85 8.36
N VAL B 341 16.96 3.92 7.43
CA VAL B 341 17.96 4.03 6.38
C VAL B 341 17.21 4.36 5.10
N TYR B 342 17.61 5.47 4.45
CA TYR B 342 16.95 5.96 3.24
C TYR B 342 17.76 5.37 2.07
N ALA B 343 17.33 4.21 1.57
CA ALA B 343 18.06 3.52 0.52
C ALA B 343 17.21 2.38 -0.03
N ASP B 344 17.55 1.95 -1.24
CA ASP B 344 17.02 0.74 -1.85
C ASP B 344 17.48 -0.45 -1.02
N ALA B 345 16.50 -1.21 -0.55
CA ALA B 345 16.84 -2.35 0.30
C ALA B 345 17.61 -3.42 -0.44
N SER B 346 17.60 -3.43 -1.79
CA SER B 346 18.34 -4.44 -2.51
C SER B 346 19.83 -4.24 -2.32
N LEU B 347 20.26 -3.01 -2.00
CA LEU B 347 21.66 -2.74 -1.71
C LEU B 347 21.97 -3.02 -0.24
N VAL B 348 21.12 -2.57 0.65
CA VAL B 348 21.46 -2.48 2.07
C VAL B 348 21.14 -3.77 2.84
N PHE B 349 20.06 -4.46 2.51
CA PHE B 349 19.62 -5.55 3.41
C PHE B 349 20.60 -6.72 3.48
N PRO B 350 21.22 -7.12 2.36
CA PRO B 350 22.23 -8.19 2.46
C PRO B 350 23.41 -7.80 3.29
N LEU B 351 23.86 -6.53 3.21
CA LEU B 351 24.94 -6.08 4.07
C LEU B 351 24.51 -6.10 5.53
N LEU B 352 23.30 -5.64 5.81
CA LEU B 352 22.79 -5.65 7.18
C LEU B 352 22.77 -7.09 7.74
N VAL B 353 22.26 -8.02 6.96
CA VAL B 353 22.18 -9.41 7.41
C VAL B 353 23.57 -9.99 7.65
N ALA B 354 24.54 -9.63 6.80
CA ALA B 354 25.90 -10.15 6.96
C ALA B 354 26.54 -9.75 8.28
N GLU B 355 26.18 -8.58 8.79
CA GLU B 355 26.79 -8.06 10.00
C GLU B 355 25.97 -8.34 11.25
N THR B 356 24.79 -8.94 11.10
CA THR B 356 23.94 -9.18 12.26
C THR B 356 23.55 -10.67 12.33
N PHE B 357 22.43 -11.06 11.72
CA PHE B 357 21.94 -12.45 11.85
C PHE B 357 23.00 -13.50 11.45
N ALA B 358 23.69 -13.28 10.32
CA ALA B 358 24.64 -14.26 9.82
C ALA B 358 25.85 -14.42 10.73
N GLN B 359 26.17 -13.41 11.55
CA GLN B 359 27.24 -13.57 12.54
C GLN B 359 26.83 -14.44 13.72
N LYS B 360 25.55 -14.59 13.96
CA LYS B 360 25.05 -15.36 15.11
C LYS B 360 24.43 -16.67 14.67
N MET B 361 24.78 -17.16 13.50
CA MET B 361 24.10 -18.38 13.00
C MET B 361 24.31 -19.54 13.98
N ASP B 362 25.48 -19.61 14.62
CA ASP B 362 25.74 -20.69 15.57
C ASP B 362 24.68 -20.73 16.67
N ALA B 363 24.35 -19.57 17.23
CA ALA B 363 23.38 -19.47 18.34
C ALA B 363 21.98 -19.92 17.93
N PHE B 364 21.56 -19.66 16.70
CA PHE B 364 20.21 -19.99 16.21
C PHE B 364 20.01 -21.50 16.05
N MET B 365 21.02 -22.24 15.63
CA MET B 365 20.84 -23.71 15.46
C MET B 365 20.70 -24.38 16.83
#